data_3KDM
#
_entry.id   3KDM
#
_cell.length_a   66.750
_cell.length_b   67.080
_cell.length_c   67.060
_cell.angle_alpha   81.320
_cell.angle_beta   69.300
_cell.angle_gamma   69.270
#
_symmetry.space_group_name_H-M   'P 1'
#
loop_
_entity.id
_entity.type
_entity.pdbx_description
1 polymer 'Immunoglobulin light chain'
2 polymer 'Immunoglobulin heavy chain'
3 non-polymer TESTOSTERONE
4 water water
#
loop_
_entity_poly.entity_id
_entity_poly.type
_entity_poly.pdbx_seq_one_letter_code
_entity_poly.pdbx_strand_id
1 'polypeptide(L)'
;QSALTQPASVSGSPGQSITISCTGTSSDVGGYNYVSWYQQHPGKAPKLMIYGVTNRPSGVSNRFSGSKSGNTASLTISGL
QAGDEADYYCSSYTSTRTPYVFGTGTKVEIKRTVAAPSVFIFPPSDEQLKSGTASVVCLLNNFYPREAKVQWKVDNALQS
GNSQESVTEQDSKDSTYSLSSTLTLSKADYEKHKVYACEVTHQGLSSPVTKSFNRGEC
;
L,A
2 'polypeptide(L)'
;(PCA)VQLVESGGGLVQPGGSLRLSCAASGFTFSSYAMSWVRQAPGKGLEWVSAISGSGGSTYYADSVKGRFTISRDNSK
NTLYLQMNSLRAEDTAVYYCARDPGLWDYYYGMDVWGQGTLVTVSSASTKGPSVFPLAPSSKSTSGGTAALGCLVKDYFP
EPVTVSWNSGALTSSVHTFPAVLQSSGLYSLSSVVTVPSSSLGTQTYICNVNHKPSNTKVDKKAEPKSC
;
H,B
#
loop_
_chem_comp.id
_chem_comp.type
_chem_comp.name
_chem_comp.formula
TES non-polymer TESTOSTERONE 'C19 H28 O2'
#
# COMPACT_ATOMS: atom_id res chain seq x y z
N ALA A 3 -22.43 -1.64 -29.77
CA ALA A 3 -23.37 -2.66 -29.28
C ALA A 3 -24.79 -2.56 -29.83
N LEU A 4 -25.69 -3.40 -29.33
CA LEU A 4 -27.12 -3.30 -29.59
C LEU A 4 -27.70 -2.01 -28.97
N THR A 5 -28.55 -1.32 -29.73
CA THR A 5 -29.04 -0.03 -29.29
C THR A 5 -30.11 -0.14 -28.22
N GLN A 6 -29.85 0.47 -27.06
CA GLN A 6 -30.84 0.59 -26.01
C GLN A 6 -30.99 2.06 -25.63
N PRO A 7 -32.17 2.47 -25.15
CA PRO A 7 -32.25 3.79 -24.53
C PRO A 7 -31.36 3.88 -23.28
N ALA A 8 -30.77 5.06 -23.05
CA ALA A 8 -29.93 5.25 -21.88
C ALA A 8 -30.70 4.98 -20.61
N SER A 9 -31.95 5.46 -20.58
CA SER A 9 -32.76 5.38 -19.36
C SER A 9 -34.25 5.19 -19.63
N VAL A 10 -34.93 4.46 -18.74
CA VAL A 10 -36.39 4.34 -18.77
C VAL A 10 -36.90 4.51 -17.33
N SER A 11 -37.90 5.37 -17.13
CA SER A 11 -38.50 5.56 -15.81
C SER A 11 -40.01 5.39 -15.84
N GLY A 12 -40.58 5.02 -14.69
CA GLY A 12 -42.03 4.86 -14.52
C GLY A 12 -42.34 4.85 -13.03
N SER A 13 -43.63 4.87 -12.64
CA SER A 13 -44.03 4.80 -11.21
C SER A 13 -44.38 3.35 -10.84
N PRO A 14 -44.30 2.99 -9.53
CA PRO A 14 -44.56 1.59 -9.14
C PRO A 14 -45.96 1.23 -9.59
N GLY A 15 -46.14 0.06 -10.19
CA GLY A 15 -47.45 -0.34 -10.65
C GLY A 15 -47.60 -0.08 -12.14
N GLN A 16 -46.77 0.82 -12.69
CA GLN A 16 -46.67 0.96 -14.15
C GLN A 16 -46.17 -0.33 -14.78
N SER A 17 -46.34 -0.42 -16.08
CA SER A 17 -45.61 -1.37 -16.91
C SER A 17 -44.69 -0.50 -17.73
N ILE A 18 -43.40 -0.84 -17.78
CA ILE A 18 -42.49 -0.10 -18.63
C ILE A 18 -41.82 -1.07 -19.57
N THR A 19 -41.34 -0.54 -20.69
CA THR A 19 -40.70 -1.34 -21.72
C THR A 19 -39.36 -0.74 -22.18
N ILE A 20 -38.37 -1.62 -22.34
CA ILE A 20 -37.02 -1.26 -22.73
C ILE A 20 -36.76 -1.90 -24.09
N SER A 21 -36.38 -1.11 -25.08
CA SER A 21 -36.12 -1.67 -26.42
C SER A 21 -34.64 -1.94 -26.60
N CYS A 22 -34.34 -2.71 -27.64
CA CYS A 22 -33.01 -3.24 -27.94
C CYS A 22 -33.04 -3.41 -29.44
N THR A 23 -32.36 -2.50 -30.14
CA THR A 23 -32.45 -2.45 -31.61
C THR A 23 -31.16 -2.93 -32.27
N GLY A 24 -31.29 -4.01 -33.06
CA GLY A 24 -30.16 -4.57 -33.76
C GLY A 24 -30.36 -4.62 -35.26
N THR A 25 -29.87 -5.70 -35.86
CA THR A 25 -29.94 -5.89 -37.32
C THR A 25 -30.48 -7.26 -37.71
N SER A 26 -30.73 -7.44 -39.01
CA SER A 26 -31.18 -8.74 -39.51
C SER A 26 -30.20 -9.88 -39.19
N SER A 27 -28.95 -9.56 -38.93
CA SER A 27 -27.96 -10.61 -38.61
C SER A 27 -27.97 -11.01 -37.13
N ASP A 28 -28.76 -10.32 -36.32
CA ASP A 28 -28.83 -10.63 -34.88
C ASP A 28 -30.27 -10.67 -34.33
N VAL A 29 -30.66 -9.59 -33.66
CA VAL A 29 -31.99 -9.52 -33.05
C VAL A 29 -33.11 -9.74 -34.09
N GLY A 30 -32.93 -9.18 -35.29
CA GLY A 30 -33.90 -9.27 -36.37
C GLY A 30 -34.08 -10.63 -37.04
N GLY A 31 -33.01 -11.43 -37.11
CA GLY A 31 -33.11 -12.70 -37.83
C GLY A 31 -33.08 -13.99 -37.02
N TYR A 32 -32.78 -13.88 -35.73
CA TYR A 32 -32.63 -15.06 -34.85
C TYR A 32 -33.31 -14.82 -33.53
N ASN A 33 -33.69 -15.92 -32.88
CA ASN A 33 -34.43 -15.89 -31.63
C ASN A 33 -33.56 -16.25 -30.43
N TYR A 34 -32.37 -15.65 -30.40
CA TYR A 34 -31.41 -15.74 -29.30
C TYR A 34 -31.12 -14.37 -28.72
N VAL A 35 -32.16 -13.66 -28.33
CA VAL A 35 -31.99 -12.42 -27.56
C VAL A 35 -32.12 -12.75 -26.06
N SER A 36 -31.15 -12.30 -25.27
CA SER A 36 -31.21 -12.47 -23.81
C SER A 36 -31.31 -11.12 -23.12
N TRP A 37 -31.83 -11.11 -21.89
CA TRP A 37 -31.90 -9.89 -21.08
C TRP A 37 -31.33 -10.15 -19.71
N TYR A 38 -30.53 -9.20 -19.23
CA TYR A 38 -29.95 -9.31 -17.90
C TYR A 38 -30.36 -8.12 -17.06
N GLN A 39 -30.49 -8.38 -15.76
CA GLN A 39 -30.69 -7.32 -14.80
C GLN A 39 -29.46 -7.22 -13.95
N GLN A 40 -28.93 -6.01 -13.78
CA GLN A 40 -27.78 -5.83 -12.93
C GLN A 40 -28.03 -4.72 -11.92
N HIS A 41 -28.04 -5.09 -10.64
CA HIS A 41 -28.11 -4.10 -9.57
C HIS A 41 -26.72 -3.53 -9.31
N PRO A 42 -26.67 -2.26 -8.85
CA PRO A 42 -25.38 -1.66 -8.50
C PRO A 42 -24.47 -2.63 -7.72
N GLY A 43 -23.25 -2.85 -8.21
CA GLY A 43 -22.23 -3.61 -7.50
C GLY A 43 -22.39 -5.12 -7.44
N LYS A 44 -23.36 -5.65 -8.18
CA LYS A 44 -23.56 -7.09 -8.21
C LYS A 44 -23.32 -7.70 -9.60
N ALA A 45 -23.28 -9.01 -9.68
CA ALA A 45 -23.24 -9.70 -10.98
C ALA A 45 -24.57 -9.59 -11.67
N PRO A 46 -24.55 -9.55 -13.01
CA PRO A 46 -25.83 -9.55 -13.74
C PRO A 46 -26.57 -10.83 -13.46
N LYS A 47 -27.86 -10.82 -13.70
CA LYS A 47 -28.74 -11.98 -13.54
C LYS A 47 -29.47 -12.17 -14.83
N LEU A 48 -29.58 -13.42 -15.28
CA LEU A 48 -30.27 -13.72 -16.53
C LEU A 48 -31.80 -13.69 -16.36
N MET A 49 -32.44 -12.75 -17.03
CA MET A 49 -33.88 -12.59 -16.89
C MET A 49 -34.67 -13.28 -18.03
N ILE A 50 -34.12 -13.29 -19.23
CA ILE A 50 -34.81 -13.82 -20.40
C ILE A 50 -33.77 -14.36 -21.34
N TYR A 51 -34.02 -15.52 -21.93
CA TYR A 51 -33.18 -16.04 -22.99
C TYR A 51 -34.10 -16.46 -24.12
N GLY A 52 -33.53 -16.62 -25.31
CA GLY A 52 -34.33 -17.05 -26.45
C GLY A 52 -35.54 -16.17 -26.74
N VAL A 53 -35.34 -14.85 -26.59
CA VAL A 53 -36.35 -13.80 -26.78
C VAL A 53 -37.43 -13.72 -25.67
N THR A 54 -38.07 -14.86 -25.38
CA THR A 54 -39.28 -14.84 -24.55
C THR A 54 -39.24 -15.72 -23.30
N ASN A 55 -38.15 -16.48 -23.11
CA ASN A 55 -38.09 -17.47 -22.03
C ASN A 55 -37.57 -16.91 -20.71
N ARG A 56 -38.27 -17.20 -19.62
CA ARG A 56 -37.78 -16.83 -18.29
C ARG A 56 -37.18 -18.03 -17.58
N PRO A 57 -35.89 -17.96 -17.24
CA PRO A 57 -35.33 -18.97 -16.34
C PRO A 57 -36.25 -19.20 -15.12
N SER A 58 -36.39 -20.45 -14.70
CA SER A 58 -37.18 -20.80 -13.52
C SER A 58 -36.88 -19.86 -12.35
N GLY A 59 -37.91 -19.24 -11.80
CA GLY A 59 -37.68 -18.44 -10.63
C GLY A 59 -37.74 -16.96 -10.92
N VAL A 60 -37.49 -16.61 -12.17
CA VAL A 60 -37.56 -15.21 -12.54
C VAL A 60 -39.03 -14.79 -12.56
N SER A 61 -39.31 -13.64 -11.94
CA SER A 61 -40.68 -13.17 -11.76
C SER A 61 -41.39 -13.04 -13.11
N ASN A 62 -42.61 -13.54 -13.19
CA ASN A 62 -43.38 -13.38 -14.41
C ASN A 62 -43.72 -11.94 -14.76
N ARG A 63 -43.28 -11.02 -13.91
CA ARG A 63 -43.46 -9.60 -14.17
C ARG A 63 -42.57 -9.16 -15.32
N PHE A 64 -41.49 -9.90 -15.55
CA PHE A 64 -40.62 -9.65 -16.70
C PHE A 64 -41.01 -10.51 -17.90
N SER A 65 -41.27 -9.86 -19.05
CA SER A 65 -41.52 -10.62 -20.28
C SER A 65 -40.70 -10.06 -21.45
N GLY A 66 -40.23 -10.97 -22.32
CA GLY A 66 -39.49 -10.57 -23.50
C GLY A 66 -40.23 -10.79 -24.81
N SER A 67 -39.91 -9.97 -25.81
CA SER A 67 -40.52 -10.12 -27.12
C SER A 67 -39.66 -9.41 -28.16
N LYS A 68 -40.02 -9.54 -29.44
CA LYS A 68 -39.41 -8.71 -30.50
C LYS A 68 -40.34 -8.51 -31.67
N SER A 69 -40.01 -7.52 -32.47
CA SER A 69 -40.75 -7.14 -33.68
C SER A 69 -39.71 -6.60 -34.64
N GLY A 70 -39.65 -7.15 -35.86
CA GLY A 70 -38.62 -6.67 -36.77
C GLY A 70 -37.27 -6.81 -36.08
N ASN A 71 -36.44 -5.76 -36.17
CA ASN A 71 -35.08 -5.79 -35.65
C ASN A 71 -34.99 -5.25 -34.21
N THR A 72 -36.12 -5.25 -33.49
CA THR A 72 -36.17 -4.73 -32.11
C THR A 72 -36.83 -5.71 -31.11
N ALA A 73 -36.05 -6.11 -30.10
CA ALA A 73 -36.55 -6.86 -28.94
C ALA A 73 -36.91 -5.91 -27.80
N SER A 74 -37.88 -6.30 -27.00
CA SER A 74 -38.31 -5.48 -25.89
C SER A 74 -38.43 -6.29 -24.62
N LEU A 75 -37.94 -5.72 -23.52
CA LEU A 75 -38.21 -6.23 -22.21
C LEU A 75 -39.36 -5.39 -21.65
N THR A 76 -40.37 -6.05 -21.15
CA THR A 76 -41.47 -5.36 -20.49
C THR A 76 -41.51 -5.83 -19.06
N ILE A 77 -41.42 -4.88 -18.15
CA ILE A 77 -41.55 -5.14 -16.72
C ILE A 77 -42.93 -4.64 -16.29
N SER A 78 -43.76 -5.56 -15.78
CA SER A 78 -45.11 -5.15 -15.39
C SER A 78 -45.11 -4.80 -13.92
N GLY A 79 -46.06 -3.96 -13.49
CA GLY A 79 -46.19 -3.65 -12.08
C GLY A 79 -44.87 -3.25 -11.44
N LEU A 80 -44.25 -2.23 -12.01
CA LEU A 80 -42.94 -1.77 -11.56
C LEU A 80 -42.81 -1.73 -10.02
N GLN A 81 -41.75 -2.36 -9.49
CA GLN A 81 -41.40 -2.27 -8.05
C GLN A 81 -40.22 -1.32 -7.82
N ALA A 82 -40.08 -0.79 -6.60
CA ALA A 82 -38.90 0.01 -6.24
C ALA A 82 -37.63 -0.78 -6.47
N GLY A 83 -37.66 -2.05 -6.13
CA GLY A 83 -36.47 -2.88 -6.21
C GLY A 83 -36.13 -3.25 -7.63
N ASP A 84 -36.96 -2.84 -8.58
CA ASP A 84 -36.70 -3.16 -9.98
C ASP A 84 -35.68 -2.21 -10.56
N GLU A 85 -35.29 -1.20 -9.78
CA GLU A 85 -34.28 -0.26 -10.26
C GLU A 85 -32.97 -1.02 -10.46
N ALA A 86 -32.37 -0.87 -11.64
CA ALA A 86 -31.18 -1.62 -12.00
C ALA A 86 -30.82 -1.22 -13.41
N ASP A 87 -29.68 -1.69 -13.87
CA ASP A 87 -29.29 -1.58 -15.27
C ASP A 87 -29.79 -2.83 -15.97
N TYR A 88 -30.26 -2.68 -17.20
CA TYR A 88 -30.72 -3.84 -17.96
C TYR A 88 -30.00 -3.90 -19.30
N TYR A 89 -29.47 -5.09 -19.60
CA TYR A 89 -28.71 -5.34 -20.84
C TYR A 89 -29.39 -6.41 -21.68
N CYS A 90 -29.59 -6.16 -22.96
CA CYS A 90 -29.95 -7.27 -23.85
C CYS A 90 -28.66 -7.84 -24.42
N SER A 91 -28.77 -8.99 -25.06
CA SER A 91 -27.66 -9.52 -25.84
C SER A 91 -28.21 -10.31 -27.03
N SER A 92 -27.36 -10.57 -28.00
CA SER A 92 -27.72 -11.41 -29.14
C SER A 92 -26.57 -12.22 -29.71
N TYR A 93 -26.92 -13.41 -30.20
CA TYR A 93 -26.12 -14.16 -31.16
C TYR A 93 -26.12 -13.31 -32.40
N THR A 94 -25.05 -13.38 -33.20
CA THR A 94 -25.09 -12.79 -34.55
C THR A 94 -24.50 -13.77 -35.56
N SER A 95 -25.06 -13.79 -36.77
CA SER A 95 -24.57 -14.65 -37.83
C SER A 95 -23.27 -14.09 -38.45
N THR A 96 -22.71 -13.07 -37.81
CA THR A 96 -21.51 -12.44 -38.37
C THR A 96 -20.28 -13.04 -37.71
N ARG A 97 -19.11 -12.50 -38.01
CA ARG A 97 -17.92 -12.98 -37.31
C ARG A 97 -18.18 -12.95 -35.80
N THR A 98 -18.92 -11.91 -35.36
CA THR A 98 -19.38 -11.76 -33.97
C THR A 98 -20.27 -12.91 -33.50
N PRO A 99 -19.83 -13.65 -32.48
CA PRO A 99 -20.69 -14.77 -32.09
C PRO A 99 -21.79 -14.33 -31.08
N TYR A 100 -21.52 -13.24 -30.39
CA TYR A 100 -22.35 -12.83 -29.27
C TYR A 100 -22.07 -11.36 -29.04
N VAL A 101 -23.10 -10.54 -28.78
CA VAL A 101 -22.84 -9.13 -28.40
C VAL A 101 -23.84 -8.61 -27.37
N PHE A 102 -23.41 -7.72 -26.49
CA PHE A 102 -24.31 -7.07 -25.52
C PHE A 102 -24.84 -5.76 -26.07
N GLY A 103 -26.02 -5.35 -25.60
CA GLY A 103 -26.57 -4.05 -25.87
C GLY A 103 -25.99 -3.03 -24.92
N THR A 104 -26.29 -1.77 -25.20
CA THR A 104 -25.60 -0.68 -24.53
C THR A 104 -26.10 -0.47 -23.10
N GLY A 105 -27.16 -1.17 -22.71
CA GLY A 105 -27.67 -1.05 -21.35
C GLY A 105 -28.66 0.09 -21.06
N THR A 106 -29.64 -0.19 -20.20
CA THR A 106 -30.64 0.83 -19.86
C THR A 106 -30.79 0.91 -18.36
N LYS A 107 -30.74 2.11 -17.79
CA LYS A 107 -31.00 2.26 -16.36
C LYS A 107 -32.47 2.51 -16.12
N VAL A 108 -33.09 1.69 -15.28
CA VAL A 108 -34.49 1.91 -14.89
C VAL A 108 -34.58 2.78 -13.63
N GLU A 109 -35.25 3.93 -13.77
CA GLU A 109 -35.52 4.78 -12.60
C GLU A 109 -36.97 4.69 -12.18
N ILE A 110 -37.16 4.51 -10.87
CA ILE A 110 -38.51 4.46 -10.32
C ILE A 110 -38.85 5.88 -9.90
N LYS A 111 -39.93 6.41 -10.47
CA LYS A 111 -40.48 7.69 -10.03
C LYS A 111 -41.17 7.57 -8.64
N ARG A 112 -41.08 8.64 -7.86
CA ARG A 112 -41.73 8.69 -6.57
C ARG A 112 -41.98 10.17 -6.20
N THR A 113 -42.69 10.41 -5.10
CA THR A 113 -42.96 11.78 -4.71
C THR A 113 -41.69 12.59 -4.46
N VAL A 114 -41.78 13.89 -4.68
CA VAL A 114 -40.69 14.80 -4.39
C VAL A 114 -40.32 14.72 -2.91
N ALA A 115 -39.03 14.65 -2.62
CA ALA A 115 -38.53 14.61 -1.26
C ALA A 115 -37.31 15.51 -1.19
N ALA A 116 -37.43 16.57 -0.41
CA ALA A 116 -36.36 17.52 -0.24
C ALA A 116 -35.19 16.83 0.44
N PRO A 117 -33.96 17.25 0.12
CA PRO A 117 -32.80 16.71 0.83
C PRO A 117 -32.83 17.11 2.31
N SER A 118 -32.45 16.20 3.20
CA SER A 118 -32.04 16.65 4.53
C SER A 118 -30.54 16.91 4.41
N VAL A 119 -30.06 18.06 4.90
CA VAL A 119 -28.71 18.55 4.61
C VAL A 119 -27.83 18.65 5.87
N PHE A 120 -26.57 18.25 5.77
CA PHE A 120 -25.68 18.31 6.92
C PHE A 120 -24.30 18.81 6.48
N ILE A 121 -23.62 19.58 7.33
CA ILE A 121 -22.24 20.00 7.08
C ILE A 121 -21.30 19.47 8.18
N PHE A 122 -20.13 19.00 7.76
CA PHE A 122 -19.11 18.47 8.68
C PHE A 122 -17.83 19.24 8.53
N PRO A 123 -17.28 19.74 9.64
CA PRO A 123 -15.95 20.37 9.60
C PRO A 123 -14.84 19.33 9.35
N PRO A 124 -13.67 19.80 8.94
CA PRO A 124 -12.51 18.89 8.90
C PRO A 124 -12.17 18.42 10.32
N SER A 125 -11.58 17.24 10.47
CA SER A 125 -11.33 16.71 11.81
C SER A 125 -10.07 17.37 12.33
N ASP A 126 -9.90 17.42 13.66
CA ASP A 126 -8.62 17.86 14.20
C ASP A 126 -7.47 17.02 13.68
N GLU A 127 -7.68 15.71 13.72
CA GLU A 127 -6.80 14.73 13.12
C GLU A 127 -6.28 15.15 11.73
N GLN A 128 -7.20 15.50 10.84
CA GLN A 128 -6.82 15.81 9.46
C GLN A 128 -6.00 17.09 9.29
N LEU A 129 -6.38 18.16 9.98
CA LEU A 129 -5.63 19.40 9.80
C LEU A 129 -4.10 19.23 9.96
N LYS A 130 -3.68 18.28 10.80
CA LYS A 130 -2.25 18.09 11.08
C LYS A 130 -1.51 17.73 9.80
N SER A 131 -2.27 17.40 8.74
CA SER A 131 -1.71 16.92 7.48
C SER A 131 -1.55 18.03 6.44
N GLY A 132 -1.99 19.23 6.80
CA GLY A 132 -1.83 20.39 5.94
C GLY A 132 -2.92 20.57 4.91
N THR A 133 -3.99 19.78 5.06
CA THR A 133 -5.15 19.85 4.20
C THR A 133 -6.41 19.73 5.02
N ALA A 134 -7.43 20.51 4.67
CA ALA A 134 -8.74 20.38 5.29
C ALA A 134 -9.82 19.92 4.28
N SER A 135 -10.66 18.95 4.69
CA SER A 135 -11.83 18.53 3.93
C SER A 135 -13.05 18.93 4.71
N VAL A 136 -13.96 19.64 4.05
CA VAL A 136 -15.24 20.01 4.60
C VAL A 136 -16.25 19.27 3.72
N VAL A 137 -17.17 18.57 4.37
CA VAL A 137 -18.10 17.71 3.64
C VAL A 137 -19.52 18.22 3.86
N CYS A 138 -20.27 18.25 2.77
CA CYS A 138 -21.71 18.50 2.81
C CYS A 138 -22.49 17.27 2.30
N LEU A 139 -23.45 16.83 3.10
CA LEU A 139 -24.29 15.67 2.84
C LEU A 139 -25.70 16.14 2.48
N LEU A 140 -26.16 15.78 1.28
CA LEU A 140 -27.57 15.94 0.87
C LEU A 140 -28.22 14.56 0.96
N ASN A 141 -29.11 14.35 1.94
CA ASN A 141 -29.62 12.98 2.17
C ASN A 141 -31.04 12.69 1.70
N ASN A 142 -31.19 11.56 1.02
CA ASN A 142 -32.47 11.03 0.62
C ASN A 142 -33.43 12.02 -0.08
N PHE A 143 -32.98 12.59 -1.17
CA PHE A 143 -33.83 13.47 -1.93
C PHE A 143 -34.38 12.80 -3.20
N TYR A 144 -35.39 13.42 -3.80
CA TYR A 144 -35.93 12.97 -5.08
C TYR A 144 -36.72 14.14 -5.70
N PRO A 145 -36.52 14.43 -7.00
CA PRO A 145 -35.77 13.78 -8.07
C PRO A 145 -34.27 13.90 -7.93
N ARG A 146 -33.56 13.31 -8.87
CA ARG A 146 -32.11 13.28 -8.82
C ARG A 146 -31.46 14.65 -8.91
N GLU A 147 -32.02 15.57 -9.68
CA GLU A 147 -31.43 16.89 -9.86
C GLU A 147 -31.23 17.63 -8.53
N ALA A 148 -30.00 18.07 -8.32
CA ALA A 148 -29.65 18.92 -7.19
C ALA A 148 -28.56 19.90 -7.60
N LYS A 149 -28.48 21.02 -6.89
CA LYS A 149 -27.27 21.86 -6.96
C LYS A 149 -26.75 22.14 -5.54
N VAL A 150 -25.44 22.15 -5.39
CA VAL A 150 -24.81 22.49 -4.11
C VAL A 150 -23.59 23.35 -4.36
N GLN A 151 -23.52 24.51 -3.73
CA GLN A 151 -22.31 25.29 -3.92
C GLN A 151 -21.72 25.72 -2.54
N TRP A 152 -20.46 26.12 -2.55
CA TRP A 152 -19.78 26.34 -1.28
C TRP A 152 -19.52 27.82 -1.08
N LYS A 153 -19.68 28.31 0.15
CA LYS A 153 -19.32 29.70 0.43
C LYS A 153 -18.40 29.76 1.64
N VAL A 154 -17.25 30.41 1.46
CA VAL A 154 -16.31 30.60 2.57
C VAL A 154 -16.20 32.10 2.87
N ASP A 155 -16.56 32.47 4.10
CA ASP A 155 -16.71 33.87 4.45
C ASP A 155 -17.66 34.58 3.49
N ASN A 156 -18.68 33.84 3.02
CA ASN A 156 -19.67 34.38 2.10
C ASN A 156 -19.28 34.45 0.62
N ALA A 157 -18.09 34.00 0.27
CA ALA A 157 -17.64 34.11 -1.10
C ALA A 157 -17.78 32.75 -1.81
N LEU A 158 -18.59 32.70 -2.88
CA LEU A 158 -18.82 31.46 -3.59
C LEU A 158 -17.52 30.87 -4.07
N GLN A 159 -17.35 29.59 -3.81
CA GLN A 159 -16.14 28.87 -4.16
C GLN A 159 -16.20 28.30 -5.58
N SER A 160 -15.06 28.31 -6.25
CA SER A 160 -14.92 27.77 -7.59
C SER A 160 -13.84 26.72 -7.58
N GLY A 161 -14.12 25.58 -8.21
CA GLY A 161 -13.09 24.61 -8.52
C GLY A 161 -12.39 23.90 -7.37
N ASN A 162 -12.95 23.98 -6.16
CA ASN A 162 -12.32 23.26 -5.06
C ASN A 162 -13.21 22.16 -4.46
N SER A 163 -14.14 21.65 -5.25
CA SER A 163 -15.08 20.68 -4.71
C SER A 163 -15.32 19.54 -5.70
N GLN A 164 -15.68 18.38 -5.17
CA GLN A 164 -16.16 17.26 -5.98
C GLN A 164 -17.39 16.66 -5.33
N GLU A 165 -18.24 16.14 -6.20
CA GLU A 165 -19.51 15.56 -5.80
C GLU A 165 -19.56 14.08 -6.12
N SER A 166 -20.24 13.31 -5.26
CA SER A 166 -20.54 11.91 -5.52
C SER A 166 -22.04 11.66 -5.16
N VAL A 167 -22.74 10.91 -6.03
CA VAL A 167 -24.14 10.53 -5.82
C VAL A 167 -24.27 9.03 -5.72
N THR A 168 -25.17 8.57 -4.86
CA THR A 168 -25.46 7.16 -4.73
C THR A 168 -26.42 6.74 -5.85
N GLU A 169 -26.45 5.44 -6.15
CA GLU A 169 -27.50 4.87 -6.99
C GLU A 169 -28.86 5.00 -6.31
N GLN A 170 -29.92 4.97 -7.11
CA GLN A 170 -31.25 5.05 -6.54
C GLN A 170 -31.43 3.99 -5.44
N ASP A 171 -31.89 4.40 -4.28
CA ASP A 171 -32.07 3.43 -3.20
C ASP A 171 -33.10 2.38 -3.58
N SER A 172 -32.83 1.11 -3.28
CA SER A 172 -33.75 0.04 -3.64
C SER A 172 -35.07 0.05 -2.86
N LYS A 173 -35.07 0.66 -1.69
CA LYS A 173 -36.29 0.66 -0.89
C LYS A 173 -37.07 1.97 -0.93
N ASP A 174 -36.40 3.11 -0.76
CA ASP A 174 -37.12 4.39 -0.80
C ASP A 174 -37.01 5.19 -2.11
N SER A 175 -36.23 4.67 -3.06
CA SER A 175 -36.14 5.26 -4.40
C SER A 175 -35.52 6.66 -4.40
N THR A 176 -34.79 6.97 -3.34
CA THR A 176 -34.18 8.27 -3.24
C THR A 176 -32.70 8.26 -3.62
N TYR A 177 -32.12 9.44 -3.69
CA TYR A 177 -30.69 9.60 -3.90
C TYR A 177 -30.08 10.35 -2.72
N SER A 178 -28.77 10.20 -2.54
CA SER A 178 -28.01 11.03 -1.62
C SER A 178 -26.78 11.56 -2.34
N LEU A 179 -26.25 12.70 -1.89
CA LEU A 179 -25.12 13.32 -2.55
C LEU A 179 -24.11 13.79 -1.51
N SER A 180 -22.83 13.56 -1.78
CA SER A 180 -21.77 14.23 -0.99
C SER A 180 -21.15 15.35 -1.81
N SER A 181 -20.84 16.46 -1.14
CA SER A 181 -20.03 17.48 -1.76
C SER A 181 -18.83 17.69 -0.86
N THR A 182 -17.63 17.53 -1.41
CA THR A 182 -16.40 17.66 -0.60
C THR A 182 -15.55 18.83 -1.04
N LEU A 183 -15.31 19.73 -0.07
CA LEU A 183 -14.51 20.93 -0.30
C LEU A 183 -13.10 20.70 0.23
N THR A 184 -12.11 20.87 -0.62
CA THR A 184 -10.73 20.67 -0.23
C THR A 184 -9.99 22.01 -0.17
N LEU A 185 -9.43 22.31 1.02
CA LEU A 185 -8.56 23.49 1.26
C LEU A 185 -7.27 23.14 1.98
N SER A 186 -6.20 23.88 1.69
CA SER A 186 -5.03 23.84 2.57
C SER A 186 -5.44 24.21 4.01
N LYS A 187 -4.74 23.66 5.00
CA LYS A 187 -5.04 24.04 6.37
C LYS A 187 -4.86 25.55 6.44
N ALA A 188 -3.78 26.03 5.86
CA ALA A 188 -3.48 27.45 5.88
C ALA A 188 -4.68 28.29 5.40
N ASP A 189 -5.14 28.01 4.18
CA ASP A 189 -6.29 28.73 3.68
C ASP A 189 -7.52 28.53 4.55
N TYR A 190 -7.64 27.32 5.10
CA TYR A 190 -8.76 26.98 5.97
C TYR A 190 -8.78 27.83 7.23
N GLU A 191 -7.60 28.00 7.83
CA GLU A 191 -7.48 28.73 9.09
C GLU A 191 -7.67 30.24 8.94
N LYS A 192 -7.46 30.76 7.74
CA LYS A 192 -7.62 32.19 7.54
C LYS A 192 -9.04 32.61 7.11
N HIS A 193 -10.05 31.83 7.50
CA HIS A 193 -11.46 32.16 7.26
C HIS A 193 -12.30 31.58 8.38
N LYS A 194 -13.51 32.10 8.54
CA LYS A 194 -14.31 31.77 9.70
C LYS A 194 -15.56 30.92 9.40
N VAL A 195 -16.44 31.42 8.52
CA VAL A 195 -17.70 30.74 8.22
C VAL A 195 -17.63 29.80 7.01
N TYR A 196 -18.09 28.56 7.21
CA TYR A 196 -18.10 27.55 6.17
C TYR A 196 -19.53 27.10 5.90
N ALA A 197 -19.99 27.24 4.66
CA ALA A 197 -21.41 26.98 4.35
C ALA A 197 -21.62 26.23 3.07
N CYS A 198 -22.58 25.30 3.14
CA CYS A 198 -23.07 24.52 2.00
C CYS A 198 -24.50 25.01 1.73
N GLU A 199 -24.77 25.51 0.52
CA GLU A 199 -26.12 25.94 0.12
C GLU A 199 -26.72 24.99 -0.93
N VAL A 200 -27.86 24.42 -0.59
CA VAL A 200 -28.45 23.40 -1.42
C VAL A 200 -29.70 23.93 -2.11
N THR A 201 -29.84 23.62 -3.40
CA THR A 201 -31.03 23.96 -4.16
C THR A 201 -31.67 22.69 -4.69
N HIS A 202 -32.97 22.56 -4.42
CA HIS A 202 -33.71 21.35 -4.74
C HIS A 202 -35.20 21.61 -4.86
N GLN A 203 -35.80 20.98 -5.85
CA GLN A 203 -37.24 20.95 -6.13
C GLN A 203 -38.09 20.94 -4.89
N GLY A 204 -37.82 20.01 -3.98
CA GLY A 204 -38.62 19.85 -2.77
C GLY A 204 -38.47 20.93 -1.70
N LEU A 205 -37.65 21.95 -1.99
CA LEU A 205 -37.38 23.07 -1.07
C LEU A 205 -37.73 24.45 -1.68
N SER A 206 -38.54 25.21 -0.94
CA SER A 206 -39.00 26.55 -1.36
C SER A 206 -37.88 27.44 -1.92
N SER A 207 -36.88 27.75 -1.08
CA SER A 207 -35.62 28.44 -1.43
C SER A 207 -34.39 27.60 -1.00
N PRO A 208 -33.20 28.03 -1.37
CA PRO A 208 -32.02 27.35 -0.85
C PRO A 208 -32.10 27.03 0.67
N VAL A 209 -31.58 25.85 1.04
CA VAL A 209 -31.27 25.55 2.42
C VAL A 209 -29.76 25.74 2.59
N THR A 210 -29.36 26.48 3.61
CA THR A 210 -27.93 26.58 3.94
C THR A 210 -27.63 25.89 5.29
N LYS A 211 -26.49 25.21 5.36
CA LYS A 211 -25.95 24.73 6.63
C LYS A 211 -24.52 25.23 6.71
N SER A 212 -24.15 25.80 7.85
CA SER A 212 -22.78 26.25 7.99
C SER A 212 -22.27 26.03 9.41
N PHE A 213 -20.99 26.21 9.58
CA PHE A 213 -20.44 26.29 10.93
C PHE A 213 -19.42 27.39 10.89
N ASN A 214 -19.03 27.87 12.07
CA ASN A 214 -17.93 28.80 12.19
C ASN A 214 -16.69 28.07 12.70
N ARG A 215 -15.57 28.27 12.02
CA ARG A 215 -14.33 27.63 12.44
C ARG A 215 -13.93 28.18 13.81
N GLY A 216 -13.92 27.30 14.80
CA GLY A 216 -13.63 27.72 16.17
C GLY A 216 -14.89 27.92 17.01
N GLU A 217 -16.03 27.41 16.52
CA GLU A 217 -17.33 27.53 17.21
C GLU A 217 -17.72 26.16 17.77
N CYS A 218 -18.51 26.14 18.84
CA CYS A 218 -18.82 24.88 19.57
C CYS A 218 -20.08 24.15 19.09
N PCA B 1 -24.71 -25.97 -4.55
CA PCA B 1 -23.42 -25.34 -4.31
CB PCA B 1 -22.43 -26.37 -3.74
CG PCA B 1 -22.98 -27.74 -4.08
CD PCA B 1 -24.39 -27.40 -4.52
OE PCA B 1 -25.23 -28.26 -4.83
C PCA B 1 -22.94 -24.82 -5.65
O PCA B 1 -21.74 -24.83 -5.90
N VAL B 2 -23.87 -24.37 -6.50
CA VAL B 2 -23.50 -23.98 -7.86
C VAL B 2 -22.83 -22.61 -7.85
N GLN B 3 -21.56 -22.55 -8.22
CA GLN B 3 -20.80 -21.33 -8.03
C GLN B 3 -19.54 -21.27 -8.87
N LEU B 4 -19.08 -20.03 -9.06
CA LEU B 4 -17.85 -19.72 -9.77
C LEU B 4 -17.09 -18.73 -8.90
N VAL B 5 -15.89 -19.07 -8.45
CA VAL B 5 -15.20 -18.10 -7.62
C VAL B 5 -13.96 -17.61 -8.34
N GLU B 6 -13.88 -16.30 -8.52
CA GLU B 6 -12.77 -15.72 -9.27
C GLU B 6 -11.61 -15.28 -8.41
N SER B 7 -10.43 -15.19 -9.02
CA SER B 7 -9.27 -14.64 -8.31
C SER B 7 -8.21 -14.16 -9.29
N GLY B 8 -7.27 -13.38 -8.80
CA GLY B 8 -6.12 -13.08 -9.62
C GLY B 8 -6.09 -11.64 -10.08
N GLY B 9 -7.19 -10.93 -9.84
CA GLY B 9 -7.27 -9.52 -10.22
C GLY B 9 -6.19 -8.80 -9.44
N GLY B 10 -5.96 -7.53 -9.78
CA GLY B 10 -5.03 -6.74 -9.02
C GLY B 10 -4.66 -5.54 -9.84
N LEU B 11 -3.73 -4.77 -9.29
CA LEU B 11 -3.17 -3.61 -9.93
C LEU B 11 -1.94 -4.11 -10.67
N VAL B 12 -1.88 -3.81 -11.96
CA VAL B 12 -0.85 -4.35 -12.83
C VAL B 12 -0.38 -3.18 -13.63
N GLN B 13 0.91 -3.19 -13.96
CA GLN B 13 1.48 -2.12 -14.73
C GLN B 13 1.06 -2.34 -16.17
N PRO B 14 0.88 -1.24 -16.89
CA PRO B 14 0.63 -1.19 -18.33
C PRO B 14 1.63 -2.06 -19.08
N GLY B 15 1.32 -2.46 -20.30
CA GLY B 15 2.17 -3.40 -20.98
C GLY B 15 2.36 -4.68 -20.17
N GLY B 16 1.93 -4.68 -18.91
CA GLY B 16 2.14 -5.83 -18.05
C GLY B 16 1.20 -7.00 -18.32
N SER B 17 1.34 -8.04 -17.52
CA SER B 17 0.56 -9.26 -17.69
C SER B 17 -0.14 -9.68 -16.41
N LEU B 18 -1.23 -10.43 -16.55
CA LEU B 18 -1.99 -10.95 -15.42
C LEU B 18 -2.74 -12.23 -15.74
N ARG B 19 -2.87 -13.16 -14.79
CA ARG B 19 -3.64 -14.37 -15.05
C ARG B 19 -4.84 -14.38 -14.14
N LEU B 20 -6.05 -14.34 -14.72
CA LEU B 20 -7.24 -14.50 -13.88
C LEU B 20 -7.70 -15.94 -13.77
N SER B 21 -8.27 -16.29 -12.62
CA SER B 21 -8.79 -17.63 -12.39
C SER B 21 -10.24 -17.58 -12.02
N CYS B 22 -10.91 -18.69 -12.29
CA CYS B 22 -12.33 -18.83 -12.07
C CYS B 22 -12.60 -20.27 -11.77
N ALA B 23 -12.77 -20.56 -10.49
CA ALA B 23 -12.86 -21.92 -10.03
C ALA B 23 -14.31 -22.30 -9.90
N ALA B 24 -14.68 -23.37 -10.61
CA ALA B 24 -16.06 -23.84 -10.70
C ALA B 24 -16.40 -24.95 -9.70
N SER B 25 -17.58 -24.82 -9.07
CA SER B 25 -18.11 -25.85 -8.16
C SER B 25 -19.61 -26.08 -8.32
N GLY B 26 -20.08 -27.25 -7.91
CA GLY B 26 -21.50 -27.55 -7.91
C GLY B 26 -22.10 -28.01 -9.24
N PHE B 27 -21.29 -28.16 -10.27
CA PHE B 27 -21.81 -28.60 -11.56
C PHE B 27 -20.74 -29.25 -12.43
N THR B 28 -21.18 -29.90 -13.51
CA THR B 28 -20.27 -30.56 -14.43
C THR B 28 -19.66 -29.56 -15.42
N PHE B 29 -18.62 -28.88 -14.95
CA PHE B 29 -17.92 -27.81 -15.65
C PHE B 29 -17.53 -28.10 -17.12
N SER B 30 -17.26 -29.38 -17.42
CA SER B 30 -16.81 -29.78 -18.76
C SER B 30 -17.95 -29.72 -19.79
N SER B 31 -19.19 -29.85 -19.30
CA SER B 31 -20.42 -29.96 -20.09
C SER B 31 -20.93 -28.63 -20.62
N TYR B 32 -20.29 -27.53 -20.22
CA TYR B 32 -20.82 -26.17 -20.51
C TYR B 32 -19.78 -25.22 -21.03
N ALA B 33 -20.14 -24.49 -22.08
CA ALA B 33 -19.35 -23.35 -22.46
C ALA B 33 -19.40 -22.43 -21.25
N MET B 34 -18.27 -21.82 -20.99
CA MET B 34 -18.11 -20.87 -19.92
C MET B 34 -17.58 -19.66 -20.65
N SER B 35 -17.57 -18.50 -19.99
CA SER B 35 -17.38 -17.23 -20.68
C SER B 35 -16.70 -16.18 -19.80
N TRP B 36 -15.92 -15.27 -20.39
CA TRP B 36 -15.44 -14.09 -19.64
C TRP B 36 -16.13 -12.80 -20.10
N VAL B 37 -16.78 -12.14 -19.15
CA VAL B 37 -17.39 -10.84 -19.39
C VAL B 37 -16.74 -9.80 -18.47
N ARG B 38 -16.48 -8.61 -19.00
CA ARG B 38 -15.90 -7.53 -18.20
C ARG B 38 -16.78 -6.27 -18.22
N GLN B 39 -16.57 -5.40 -17.25
CA GLN B 39 -17.29 -4.14 -17.21
C GLN B 39 -16.33 -3.12 -16.67
N ALA B 40 -15.96 -2.14 -17.50
CA ALA B 40 -15.09 -1.05 -17.06
C ALA B 40 -15.89 -0.16 -16.10
N PRO B 41 -15.20 0.60 -15.22
CA PRO B 41 -15.89 1.43 -14.23
C PRO B 41 -16.95 2.36 -14.86
N GLY B 42 -18.21 2.22 -14.43
CA GLY B 42 -19.28 3.04 -14.96
C GLY B 42 -19.85 2.61 -16.31
N LYS B 43 -19.18 1.66 -16.98
CA LYS B 43 -19.56 1.25 -18.34
C LYS B 43 -20.41 -0.01 -18.36
N GLY B 44 -20.75 -0.46 -19.57
CA GLY B 44 -21.57 -1.64 -19.72
C GLY B 44 -20.75 -2.92 -19.84
N LEU B 45 -21.45 -4.05 -19.82
CA LEU B 45 -20.83 -5.35 -19.96
C LEU B 45 -20.25 -5.44 -21.37
N GLU B 46 -19.03 -5.94 -21.47
CA GLU B 46 -18.40 -6.14 -22.75
C GLU B 46 -18.06 -7.59 -22.76
N TRP B 47 -18.61 -8.35 -23.72
CA TRP B 47 -18.17 -9.74 -23.85
C TRP B 47 -16.69 -9.75 -24.31
N VAL B 48 -15.85 -10.52 -23.62
CA VAL B 48 -14.42 -10.51 -23.89
C VAL B 48 -13.96 -11.81 -24.54
N SER B 49 -14.38 -12.96 -24.01
CA SER B 49 -13.91 -14.21 -24.58
C SER B 49 -14.82 -15.37 -24.16
N ALA B 50 -14.75 -16.47 -24.89
CA ALA B 50 -15.49 -17.68 -24.48
C ALA B 50 -14.77 -18.93 -24.92
N ILE B 51 -15.02 -20.04 -24.25
CA ILE B 51 -14.36 -21.28 -24.60
C ILE B 51 -15.36 -22.45 -24.49
N SER B 52 -15.25 -23.36 -25.46
CA SER B 52 -16.13 -24.52 -25.51
C SER B 52 -15.93 -25.35 -24.28
N GLY B 53 -16.83 -26.29 -24.05
CA GLY B 53 -16.76 -27.07 -22.83
C GLY B 53 -15.45 -27.82 -22.68
N SER B 54 -14.91 -28.30 -23.79
CA SER B 54 -13.71 -29.14 -23.79
C SER B 54 -12.40 -28.37 -23.95
N GLY B 55 -12.47 -27.07 -24.16
CA GLY B 55 -11.28 -26.28 -24.46
C GLY B 55 -10.88 -26.30 -25.93
N GLY B 56 -11.45 -27.22 -26.71
CA GLY B 56 -10.97 -27.40 -28.07
C GLY B 56 -11.32 -26.21 -28.94
N SER B 57 -12.39 -25.54 -28.56
CA SER B 57 -12.72 -24.28 -29.17
C SER B 57 -12.79 -23.31 -28.02
N THR B 58 -11.96 -22.30 -28.18
CA THR B 58 -11.89 -21.18 -27.29
C THR B 58 -12.25 -20.17 -28.32
N TYR B 59 -12.88 -19.07 -27.91
CA TYR B 59 -13.32 -18.00 -28.79
C TYR B 59 -13.08 -16.65 -28.09
N TYR B 60 -12.86 -15.60 -28.88
CA TYR B 60 -12.35 -14.33 -28.36
C TYR B 60 -12.96 -13.09 -29.03
N ALA B 61 -13.10 -11.99 -28.28
CA ALA B 61 -13.54 -10.71 -28.83
C ALA B 61 -12.44 -10.00 -29.61
N ASP B 62 -12.83 -9.09 -30.52
CA ASP B 62 -11.89 -8.25 -31.29
C ASP B 62 -10.95 -7.48 -30.38
N SER B 63 -11.55 -6.53 -29.66
CA SER B 63 -10.84 -5.57 -28.79
C SER B 63 -9.76 -6.19 -27.90
N VAL B 64 -9.69 -7.51 -27.91
CA VAL B 64 -8.90 -8.26 -26.95
C VAL B 64 -8.03 -9.32 -27.64
N LYS B 65 -8.42 -9.73 -28.86
CA LYS B 65 -7.81 -10.84 -29.59
C LYS B 65 -6.28 -10.88 -29.58
N GLY B 66 -5.65 -9.76 -29.90
CA GLY B 66 -4.22 -9.71 -29.95
C GLY B 66 -3.63 -10.29 -28.69
N ARG B 67 -3.96 -9.74 -27.53
CA ARG B 67 -3.15 -10.04 -26.34
C ARG B 67 -3.76 -10.89 -25.23
N PHE B 68 -4.98 -11.40 -25.39
CA PHE B 68 -5.63 -12.23 -24.36
C PHE B 68 -5.79 -13.69 -24.82
N THR B 69 -5.73 -14.61 -23.86
CA THR B 69 -5.91 -16.02 -24.16
C THR B 69 -6.74 -16.68 -23.06
N ILE B 70 -7.91 -17.22 -23.42
CA ILE B 70 -8.79 -17.99 -22.52
C ILE B 70 -8.39 -19.47 -22.59
N SER B 71 -8.58 -20.22 -21.49
CA SER B 71 -8.18 -21.64 -21.35
C SER B 71 -8.97 -22.28 -20.20
N ARG B 72 -8.91 -23.61 -19.99
CA ARG B 72 -9.68 -24.33 -18.92
C ARG B 72 -9.17 -25.75 -18.38
N ASP B 73 -9.61 -26.19 -17.17
CA ASP B 73 -9.35 -27.53 -16.46
C ASP B 73 -10.56 -28.24 -15.77
N ASN B 74 -11.11 -29.30 -16.35
CA ASN B 74 -12.35 -29.89 -15.81
C ASN B 74 -12.21 -30.83 -14.62
N SER B 75 -10.97 -31.19 -14.29
CA SER B 75 -10.69 -31.89 -13.05
C SER B 75 -10.49 -30.86 -11.93
N LYS B 76 -9.73 -29.80 -12.23
CA LYS B 76 -9.63 -28.62 -11.34
C LYS B 76 -10.77 -27.61 -11.54
N ASN B 77 -11.65 -27.88 -12.52
CA ASN B 77 -12.84 -27.08 -12.69
C ASN B 77 -12.56 -25.62 -12.75
N THR B 78 -11.61 -25.22 -13.59
CA THR B 78 -11.15 -23.86 -13.51
C THR B 78 -10.93 -23.25 -14.88
N LEU B 79 -11.49 -22.05 -15.05
CA LEU B 79 -11.34 -21.28 -16.26
C LEU B 79 -10.27 -20.24 -16.03
N TYR B 80 -9.53 -19.91 -17.06
CA TYR B 80 -8.46 -18.94 -16.89
C TYR B 80 -8.57 -17.89 -17.96
N LEU B 81 -8.26 -16.67 -17.58
CA LEU B 81 -7.95 -15.68 -18.58
C LEU B 81 -6.49 -15.31 -18.28
N GLN B 82 -5.60 -16.23 -18.62
CA GLN B 82 -4.25 -15.84 -18.64
C GLN B 82 -4.48 -14.56 -19.39
N MET B 83 -4.14 -13.43 -18.78
CA MET B 83 -4.28 -12.17 -19.48
C MET B 83 -2.92 -11.56 -19.60
N ASN B 84 -2.42 -11.40 -20.81
CA ASN B 84 -1.06 -10.88 -20.93
C ASN B 84 -1.12 -9.61 -21.72
N SER B 85 -0.04 -8.84 -21.70
CA SER B 85 0.09 -7.58 -22.44
C SER B 85 -0.95 -6.52 -22.02
N LEU B 86 -1.28 -6.52 -20.73
CA LEU B 86 -2.41 -5.72 -20.27
C LEU B 86 -2.24 -4.26 -20.60
N ARG B 87 -3.33 -3.57 -20.93
CA ARG B 87 -3.33 -2.10 -21.09
C ARG B 87 -4.36 -1.45 -20.17
N ALA B 88 -4.30 -0.13 -20.08
CA ALA B 88 -5.10 0.60 -19.12
C ALA B 88 -6.58 0.36 -19.38
N GLU B 89 -6.95 0.19 -20.66
CA GLU B 89 -8.35 0.04 -21.04
C GLU B 89 -8.89 -1.35 -20.80
N ASP B 90 -8.05 -2.27 -20.31
CA ASP B 90 -8.57 -3.55 -19.84
C ASP B 90 -8.92 -3.46 -18.36
N THR B 91 -8.83 -2.25 -17.79
CA THR B 91 -9.22 -1.98 -16.39
C THR B 91 -10.74 -2.12 -16.26
N ALA B 92 -11.16 -3.09 -15.46
CA ALA B 92 -12.54 -3.52 -15.42
C ALA B 92 -12.71 -4.56 -14.33
N VAL B 93 -13.95 -4.80 -13.94
CA VAL B 93 -14.29 -5.98 -13.16
C VAL B 93 -14.46 -7.09 -14.18
N TYR B 94 -13.78 -8.21 -13.96
CA TYR B 94 -13.89 -9.40 -14.82
C TYR B 94 -14.73 -10.46 -14.16
N TYR B 95 -15.76 -10.93 -14.88
CA TYR B 95 -16.64 -12.02 -14.44
C TYR B 95 -16.49 -13.26 -15.32
N CYS B 96 -16.63 -14.43 -14.73
CA CYS B 96 -16.94 -15.63 -15.52
C CYS B 96 -18.42 -16.05 -15.37
N ALA B 97 -18.95 -16.80 -16.34
CA ALA B 97 -20.35 -17.20 -16.33
C ALA B 97 -20.62 -18.45 -17.14
N ARG B 98 -21.63 -19.20 -16.72
CA ARG B 98 -22.09 -20.40 -17.41
C ARG B 98 -23.23 -20.13 -18.43
N ASP B 99 -23.13 -20.71 -19.63
CA ASP B 99 -24.32 -20.89 -20.45
C ASP B 99 -24.90 -22.25 -20.06
N PRO B 100 -26.16 -22.29 -19.59
CA PRO B 100 -26.62 -23.61 -19.12
C PRO B 100 -27.03 -24.56 -20.26
N GLY B 101 -26.86 -24.16 -21.52
CA GLY B 101 -27.26 -25.04 -22.62
C GLY B 101 -26.48 -26.35 -22.59
N LEU B 102 -27.17 -27.46 -22.34
CA LEU B 102 -26.52 -28.78 -22.20
C LEU B 102 -26.10 -29.45 -23.52
N TRP B 103 -27.06 -29.52 -24.43
CA TRP B 103 -26.88 -30.11 -25.77
C TRP B 103 -26.93 -29.02 -26.82
N ASP B 104 -27.35 -27.83 -26.40
CA ASP B 104 -27.41 -26.65 -27.28
C ASP B 104 -27.13 -25.40 -26.45
N TYR B 105 -26.84 -24.26 -27.07
CA TYR B 105 -26.57 -23.08 -26.26
C TYR B 105 -27.79 -22.24 -26.05
N TYR B 106 -27.83 -21.57 -24.90
CA TYR B 106 -28.88 -20.60 -24.56
C TYR B 106 -28.63 -19.28 -25.25
N TYR B 107 -27.34 -18.99 -25.47
CA TYR B 107 -26.85 -17.62 -25.68
C TYR B 107 -27.30 -16.72 -24.52
N GLY B 108 -27.17 -17.30 -23.32
CA GLY B 108 -27.55 -16.64 -22.08
C GLY B 108 -26.69 -17.23 -20.98
N MET B 109 -26.11 -16.34 -20.18
CA MET B 109 -25.24 -16.72 -19.05
C MET B 109 -26.00 -16.66 -17.73
N ASP B 110 -26.13 -17.80 -17.06
CA ASP B 110 -27.02 -17.88 -15.90
C ASP B 110 -26.30 -17.83 -14.55
N VAL B 111 -25.29 -18.68 -14.38
CA VAL B 111 -24.49 -18.69 -13.16
C VAL B 111 -23.32 -17.75 -13.41
N TRP B 112 -23.15 -16.78 -12.53
CA TRP B 112 -22.09 -15.80 -12.57
C TRP B 112 -21.25 -15.88 -11.30
N GLY B 113 -19.94 -15.69 -11.43
CA GLY B 113 -19.08 -15.54 -10.28
C GLY B 113 -19.31 -14.15 -9.74
N GLN B 114 -18.53 -13.75 -8.75
CA GLN B 114 -18.78 -12.46 -8.10
C GLN B 114 -18.02 -11.24 -8.69
N GLY B 115 -17.08 -11.49 -9.61
CA GLY B 115 -16.24 -10.46 -10.19
C GLY B 115 -14.84 -10.29 -9.56
N THR B 116 -13.85 -9.92 -10.36
CA THR B 116 -12.55 -9.54 -9.85
C THR B 116 -12.06 -8.26 -10.51
N LEU B 117 -11.62 -7.32 -9.68
CA LEU B 117 -11.15 -6.06 -10.22
C LEU B 117 -9.74 -6.19 -10.80
N VAL B 118 -9.62 -5.79 -12.05
CA VAL B 118 -8.31 -5.67 -12.70
C VAL B 118 -8.06 -4.21 -12.97
N THR B 119 -7.00 -3.69 -12.35
CA THR B 119 -6.61 -2.29 -12.52
C THR B 119 -5.25 -2.27 -13.20
N VAL B 120 -5.22 -1.76 -14.43
CA VAL B 120 -3.98 -1.66 -15.18
C VAL B 120 -3.53 -0.22 -15.09
N SER B 121 -2.49 -0.01 -14.30
CA SER B 121 -2.02 1.33 -14.03
C SER B 121 -0.56 1.23 -13.63
N SER B 122 0.16 2.32 -13.85
CA SER B 122 1.54 2.37 -13.41
C SER B 122 1.67 3.06 -12.04
N ALA B 123 0.57 3.63 -11.54
CA ALA B 123 0.52 4.11 -10.14
C ALA B 123 0.62 2.94 -9.16
N SER B 124 1.07 3.24 -7.95
CA SER B 124 1.28 2.17 -7.00
C SER B 124 0.16 2.19 -5.96
N THR B 125 0.03 1.08 -5.26
CA THR B 125 -0.87 1.00 -4.14
C THR B 125 -0.61 2.16 -3.13
N LYS B 126 -1.70 2.71 -2.60
CA LYS B 126 -1.63 3.69 -1.52
C LYS B 126 -2.87 3.55 -0.66
N GLY B 127 -2.68 3.37 0.65
CA GLY B 127 -3.81 3.19 1.55
C GLY B 127 -4.45 4.51 1.90
N PRO B 128 -5.71 4.47 2.39
CA PRO B 128 -6.45 5.69 2.74
C PRO B 128 -6.07 6.21 4.11
N SER B 129 -6.24 7.51 4.30
CA SER B 129 -6.33 8.06 5.63
C SER B 129 -7.81 8.22 5.93
N VAL B 130 -8.22 7.83 7.14
CA VAL B 130 -9.62 7.80 7.56
C VAL B 130 -9.90 8.83 8.68
N PHE B 131 -10.79 9.78 8.41
CA PHE B 131 -11.14 10.85 9.36
C PHE B 131 -12.63 10.84 9.71
N PRO B 132 -12.97 11.19 10.95
CA PRO B 132 -14.38 11.18 11.31
C PRO B 132 -15.09 12.37 10.67
N LEU B 133 -16.37 12.18 10.39
CA LEU B 133 -17.31 13.25 10.09
C LEU B 133 -18.21 13.20 11.31
N ALA B 134 -17.92 14.03 12.30
CA ALA B 134 -18.51 13.88 13.61
C ALA B 134 -19.94 14.38 13.58
N PRO B 135 -20.80 13.79 14.42
CA PRO B 135 -22.16 14.38 14.51
C PRO B 135 -21.95 15.87 14.87
N SER B 136 -22.63 16.81 14.21
CA SER B 136 -22.31 18.21 14.45
C SER B 136 -23.50 19.11 14.75
N SER B 137 -23.35 19.98 15.76
CA SER B 137 -24.50 20.73 16.31
C SER B 137 -24.96 21.92 15.41
N LYS B 138 -24.34 22.03 14.22
CA LYS B 138 -24.71 23.02 13.16
C LYS B 138 -25.63 22.47 12.04
N SER B 139 -26.61 21.66 12.47
CA SER B 139 -27.53 20.91 11.61
C SER B 139 -28.16 19.75 12.45
N THR B 140 -28.76 20.10 13.60
CA THR B 140 -29.26 19.12 14.59
C THR B 140 -30.76 18.72 14.39
N SER B 141 -30.95 17.73 13.49
CA SER B 141 -32.16 17.49 12.64
C SER B 141 -33.45 17.00 13.34
N GLY B 142 -33.69 17.59 14.52
CA GLY B 142 -34.79 17.27 15.41
C GLY B 142 -34.72 15.88 16.03
N GLY B 143 -34.88 14.89 15.15
CA GLY B 143 -34.91 13.51 15.55
C GLY B 143 -33.81 12.69 14.90
N THR B 144 -33.23 13.19 13.80
CA THR B 144 -32.19 12.45 13.05
C THR B 144 -30.87 13.19 13.03
N ALA B 145 -29.78 12.49 13.34
CA ALA B 145 -28.43 13.05 13.24
C ALA B 145 -27.63 12.31 12.14
N ALA B 146 -26.59 12.96 11.57
CA ALA B 146 -25.71 12.30 10.61
C ALA B 146 -24.25 12.32 11.07
N LEU B 147 -23.54 11.26 10.75
CA LEU B 147 -22.11 11.27 10.99
C LEU B 147 -21.54 10.35 9.93
N GLY B 148 -20.23 10.21 9.92
CA GLY B 148 -19.63 9.40 8.89
C GLY B 148 -18.12 9.29 9.04
N CYS B 149 -17.47 8.81 7.98
CA CYS B 149 -16.03 8.76 7.88
C CYS B 149 -15.64 9.16 6.46
N LEU B 150 -14.54 9.94 6.38
CA LEU B 150 -13.94 10.33 5.11
C LEU B 150 -12.76 9.40 4.86
N VAL B 151 -12.78 8.75 3.71
CA VAL B 151 -11.77 7.77 3.35
C VAL B 151 -11.00 8.33 2.15
N LYS B 152 -9.91 9.04 2.44
CA LYS B 152 -9.23 9.91 1.49
C LYS B 152 -7.85 9.42 1.00
N ASP B 153 -7.63 9.54 -0.31
CA ASP B 153 -6.31 9.38 -0.93
C ASP B 153 -5.80 7.94 -1.04
N TYR B 154 -6.60 7.04 -1.61
CA TYR B 154 -6.17 5.63 -1.77
C TYR B 154 -6.18 5.17 -3.24
N PHE B 155 -5.45 4.10 -3.49
CA PHE B 155 -5.34 3.53 -4.84
C PHE B 155 -4.81 2.10 -4.70
N PRO B 156 -5.38 1.14 -5.44
CA PRO B 156 -6.51 1.26 -6.37
C PRO B 156 -7.85 1.06 -5.62
N GLU B 157 -8.93 0.91 -6.37
CA GLU B 157 -10.17 0.41 -5.79
C GLU B 157 -9.95 -1.05 -5.49
N PRO B 158 -10.75 -1.63 -4.59
CA PRO B 158 -11.86 -1.01 -3.88
C PRO B 158 -11.53 -0.83 -2.41
N VAL B 159 -12.36 -0.05 -1.71
CA VAL B 159 -12.27 0.06 -0.27
C VAL B 159 -13.64 -0.40 0.29
N THR B 160 -13.65 -1.06 1.44
CA THR B 160 -14.95 -1.37 2.07
C THR B 160 -15.07 -0.67 3.41
N VAL B 161 -16.26 -0.16 3.65
CA VAL B 161 -16.57 0.49 4.89
C VAL B 161 -17.77 -0.22 5.49
N SER B 162 -17.70 -0.52 6.78
CA SER B 162 -18.87 -0.97 7.50
C SER B 162 -18.94 -0.16 8.77
N TRP B 163 -20.03 -0.32 9.51
CA TRP B 163 -20.26 0.47 10.71
C TRP B 163 -20.51 -0.45 11.86
N ASN B 164 -19.85 -0.18 12.98
CA ASN B 164 -19.93 -1.04 14.17
C ASN B 164 -19.83 -2.51 13.83
N SER B 165 -18.87 -2.85 12.96
CA SER B 165 -18.65 -4.21 12.53
C SER B 165 -19.88 -4.88 11.93
N GLY B 166 -20.61 -4.18 11.07
CA GLY B 166 -21.73 -4.77 10.34
C GLY B 166 -23.08 -4.68 11.04
N ALA B 167 -23.07 -4.19 12.26
CA ALA B 167 -24.29 -4.06 13.07
C ALA B 167 -25.19 -2.94 12.55
N LEU B 168 -24.59 -1.88 12.04
CA LEU B 168 -25.34 -0.73 11.57
C LEU B 168 -25.34 -0.76 10.05
N THR B 169 -26.47 -1.06 9.42
CA THR B 169 -26.50 -1.09 7.97
C THR B 169 -27.60 -0.20 7.40
N SER B 170 -28.73 -0.15 8.10
CA SER B 170 -29.84 0.65 7.61
C SER B 170 -29.52 2.13 7.83
N SER B 171 -29.75 2.93 6.80
CA SER B 171 -29.44 4.37 6.85
C SER B 171 -27.98 4.72 6.50
N VAL B 172 -27.23 3.72 6.05
CA VAL B 172 -25.85 3.92 5.60
C VAL B 172 -25.78 4.28 4.11
N HIS B 173 -25.06 5.37 3.81
CA HIS B 173 -24.70 5.69 2.43
C HIS B 173 -23.18 5.77 2.30
N THR B 174 -22.62 4.80 1.60
CA THR B 174 -21.21 4.82 1.26
C THR B 174 -21.09 5.29 -0.19
N PHE B 175 -20.57 6.49 -0.38
CA PHE B 175 -20.63 7.11 -1.68
C PHE B 175 -19.61 6.51 -2.62
N PRO B 176 -19.98 6.40 -3.91
CA PRO B 176 -19.03 5.95 -4.94
C PRO B 176 -17.72 6.74 -4.88
N ALA B 177 -16.59 6.03 -5.03
CA ALA B 177 -15.29 6.66 -5.01
C ALA B 177 -15.22 7.59 -6.19
N VAL B 178 -14.53 8.70 -5.98
CA VAL B 178 -14.25 9.63 -7.05
C VAL B 178 -12.75 9.83 -7.13
N LEU B 179 -12.22 9.83 -8.36
CA LEU B 179 -10.82 10.10 -8.61
C LEU B 179 -10.51 11.60 -8.46
N GLN B 180 -9.62 11.95 -7.53
CA GLN B 180 -9.12 13.32 -7.41
C GLN B 180 -8.12 13.65 -8.55
N SER B 181 -7.83 14.93 -8.74
CA SER B 181 -6.82 15.31 -9.75
C SER B 181 -5.42 14.99 -9.21
N SER B 182 -5.39 14.47 -7.98
CA SER B 182 -4.21 13.90 -7.38
C SER B 182 -3.94 12.52 -7.97
N GLY B 183 -4.94 11.93 -8.62
CA GLY B 183 -4.84 10.56 -9.09
C GLY B 183 -5.22 9.51 -8.04
N LEU B 184 -5.64 9.98 -6.86
CA LEU B 184 -6.05 9.09 -5.79
C LEU B 184 -7.56 9.18 -5.61
N TYR B 185 -8.15 8.10 -5.13
CA TYR B 185 -9.59 8.05 -4.90
C TYR B 185 -9.87 8.64 -3.54
N SER B 186 -11.12 9.06 -3.33
CA SER B 186 -11.61 9.49 -2.02
C SER B 186 -13.13 9.26 -1.97
N LEU B 187 -13.65 8.92 -0.79
CA LEU B 187 -15.08 8.73 -0.63
C LEU B 187 -15.41 8.97 0.83
N SER B 188 -16.69 9.20 1.13
CA SER B 188 -17.19 9.25 2.52
C SER B 188 -18.27 8.19 2.70
N SER B 189 -18.37 7.63 3.89
CA SER B 189 -19.49 6.76 4.20
C SER B 189 -20.23 7.47 5.32
N VAL B 190 -21.55 7.65 5.16
CA VAL B 190 -22.34 8.31 6.19
C VAL B 190 -23.44 7.42 6.70
N VAL B 191 -24.04 7.86 7.80
CA VAL B 191 -25.20 7.18 8.37
C VAL B 191 -26.03 8.21 9.12
N THR B 192 -27.35 8.09 9.01
CA THR B 192 -28.25 8.92 9.81
C THR B 192 -28.80 8.04 10.92
N VAL B 193 -28.89 8.65 12.10
CA VAL B 193 -29.30 7.97 13.31
C VAL B 193 -30.10 8.95 14.18
N PRO B 194 -30.93 8.41 15.09
CA PRO B 194 -31.67 9.30 15.97
C PRO B 194 -30.72 10.14 16.80
N SER B 195 -31.09 11.39 17.01
CA SER B 195 -30.27 12.28 17.81
C SER B 195 -30.12 11.66 19.19
N SER B 196 -31.19 11.03 19.64
CA SER B 196 -31.22 10.45 20.99
C SER B 196 -30.18 9.37 21.15
N SER B 197 -29.78 8.75 20.05
CA SER B 197 -28.84 7.64 20.11
C SER B 197 -27.36 8.08 20.23
N LEU B 198 -27.08 9.36 20.00
CA LEU B 198 -25.71 9.82 20.04
C LEU B 198 -25.18 9.77 21.45
N GLY B 199 -26.09 9.80 22.42
CA GLY B 199 -25.72 9.76 23.81
C GLY B 199 -25.75 8.34 24.32
N THR B 200 -26.27 7.41 23.51
CA THR B 200 -26.44 6.03 23.98
C THR B 200 -25.71 4.96 23.15
N GLN B 201 -25.26 5.31 21.96
CA GLN B 201 -24.59 4.34 21.09
C GLN B 201 -23.34 4.95 20.48
N THR B 202 -22.22 4.22 20.57
CA THR B 202 -20.97 4.66 19.94
C THR B 202 -20.98 4.21 18.49
N TYR B 203 -20.39 5.04 17.64
CA TYR B 203 -20.36 4.82 16.17
C TYR B 203 -18.93 4.79 15.63
N ILE B 204 -18.57 3.65 15.07
CA ILE B 204 -17.22 3.39 14.60
C ILE B 204 -17.27 2.82 13.18
N CYS B 205 -16.59 3.47 12.26
CA CYS B 205 -16.55 2.93 10.92
C CYS B 205 -15.32 2.05 10.83
N ASN B 206 -15.45 0.92 10.15
CA ASN B 206 -14.38 -0.04 9.95
C ASN B 206 -14.05 -0.02 8.46
N VAL B 207 -12.85 0.48 8.14
CA VAL B 207 -12.44 0.67 6.78
C VAL B 207 -11.32 -0.32 6.44
N ASN B 208 -11.40 -0.95 5.28
CA ASN B 208 -10.42 -1.95 4.92
C ASN B 208 -10.05 -1.74 3.46
N HIS B 209 -8.78 -1.45 3.19
CA HIS B 209 -8.29 -1.26 1.84
C HIS B 209 -7.27 -2.34 1.58
N LYS B 210 -7.79 -3.50 1.19
CA LYS B 210 -6.98 -4.71 1.17
C LYS B 210 -5.71 -4.58 0.34
N PRO B 211 -5.79 -3.88 -0.82
CA PRO B 211 -4.58 -3.76 -1.66
C PRO B 211 -3.37 -3.21 -0.93
N SER B 212 -3.56 -2.41 0.12
CA SER B 212 -2.46 -1.73 0.81
C SER B 212 -2.30 -2.21 2.24
N ASN B 213 -2.98 -3.29 2.59
CA ASN B 213 -3.03 -3.74 3.98
C ASN B 213 -3.37 -2.60 4.95
N THR B 214 -4.34 -1.78 4.57
CA THR B 214 -4.77 -0.72 5.48
C THR B 214 -6.09 -1.17 6.09
N LYS B 215 -6.06 -1.43 7.39
CA LYS B 215 -7.29 -1.64 8.14
C LYS B 215 -7.38 -0.51 9.17
N VAL B 216 -8.55 0.10 9.28
CA VAL B 216 -8.71 1.22 10.20
C VAL B 216 -10.13 1.24 10.75
N ASP B 217 -10.25 1.41 12.07
CA ASP B 217 -11.54 1.62 12.73
C ASP B 217 -11.52 3.03 13.33
N LYS B 218 -12.46 3.90 12.92
CA LYS B 218 -12.52 5.28 13.45
C LYS B 218 -13.84 5.53 14.14
N LYS B 219 -13.80 6.18 15.29
CA LYS B 219 -15.02 6.59 15.99
C LYS B 219 -15.50 7.97 15.51
N ALA B 220 -16.78 8.06 15.16
CA ALA B 220 -17.37 9.34 14.77
C ALA B 220 -18.25 9.84 15.91
N GLU B 221 -17.86 10.93 16.56
CA GLU B 221 -18.57 11.28 17.78
C GLU B 221 -18.67 12.78 17.91
N PRO B 222 -19.64 13.23 18.74
CA PRO B 222 -19.84 14.63 19.11
C PRO B 222 -18.56 15.48 19.38
N LYS B 223 -18.77 16.80 19.45
CA LYS B 223 -17.79 17.78 19.89
C LYS B 223 -16.37 17.47 19.47
N ALA C 3 23.16 6.38 31.43
CA ALA C 3 23.99 6.14 30.26
C ALA C 3 25.53 5.83 30.47
N LEU C 4 26.13 5.15 29.49
CA LEU C 4 27.55 4.79 29.55
C LEU C 4 28.21 5.36 28.31
N THR C 5 29.26 6.16 28.48
CA THR C 5 29.80 6.93 27.38
C THR C 5 30.90 6.16 26.63
N GLN C 6 30.71 6.04 25.30
CA GLN C 6 31.67 5.41 24.40
C GLN C 6 32.10 6.38 23.31
N PRO C 7 33.35 6.23 22.81
CA PRO C 7 33.72 7.06 21.65
C PRO C 7 32.77 6.73 20.48
N ALA C 8 32.47 7.70 19.64
CA ALA C 8 31.57 7.41 18.54
C ALA C 8 32.26 6.52 17.51
N SER C 9 33.57 6.69 17.34
CA SER C 9 34.25 5.76 16.44
C SER C 9 35.66 5.50 16.88
N VAL C 10 36.19 4.37 16.43
CA VAL C 10 37.60 4.05 16.61
C VAL C 10 38.03 3.44 15.29
N SER C 11 39.31 3.60 14.96
CA SER C 11 39.87 3.17 13.68
C SER C 11 41.06 2.29 13.88
N GLY C 12 41.27 1.32 12.98
CA GLY C 12 42.41 0.43 13.13
C GLY C 12 42.88 -0.08 11.79
N SER C 13 44.21 -0.11 11.59
CA SER C 13 44.80 -0.79 10.46
C SER C 13 44.61 -2.28 10.67
N PRO C 14 44.43 -3.05 9.58
CA PRO C 14 44.28 -4.49 9.81
C PRO C 14 45.47 -5.04 10.59
N GLY C 15 45.24 -6.07 11.38
CA GLY C 15 46.29 -6.70 12.15
C GLY C 15 46.50 -6.09 13.51
N GLN C 16 46.19 -4.80 13.64
CA GLN C 16 46.40 -4.05 14.89
C GLN C 16 45.39 -4.36 16.00
N SER C 17 45.73 -3.91 17.19
CA SER C 17 44.84 -3.87 18.35
C SER C 17 44.25 -2.48 18.45
N ILE C 18 42.96 -2.43 18.80
CA ILE C 18 42.24 -1.18 19.05
C ILE C 18 41.47 -1.38 20.33
N THR C 19 41.16 -0.29 21.00
CA THR C 19 40.45 -0.35 22.27
C THR C 19 39.18 0.49 22.16
N ILE C 20 38.11 0.06 22.80
CA ILE C 20 36.90 0.87 22.85
C ILE C 20 36.56 1.07 24.31
N SER C 21 36.43 2.31 24.75
CA SER C 21 36.14 2.60 26.16
C SER C 21 34.62 2.68 26.43
N CYS C 22 34.27 2.51 27.71
CA CYS C 22 32.89 2.49 28.14
C CYS C 22 32.85 3.01 29.56
N THR C 23 32.51 4.29 29.68
CA THR C 23 32.70 4.97 30.94
C THR C 23 31.37 5.14 31.63
N GLY C 24 31.30 4.64 32.87
CA GLY C 24 30.11 4.74 33.68
C GLY C 24 30.41 5.47 34.97
N THR C 25 29.85 4.98 36.08
CA THR C 25 30.05 5.57 37.38
C THR C 25 30.12 4.51 38.44
N SER C 26 30.28 4.95 39.69
CA SER C 26 30.38 4.04 40.80
C SER C 26 29.14 3.14 40.98
N SER C 27 27.99 3.51 40.42
CA SER C 27 26.78 2.70 40.56
C SER C 27 26.53 1.73 39.37
N ASP C 28 27.47 1.68 38.44
CA ASP C 28 27.31 0.73 37.32
C ASP C 28 28.65 0.13 36.98
N VAL C 29 29.32 0.65 35.97
CA VAL C 29 30.59 0.10 35.55
C VAL C 29 31.59 0.02 36.71
N GLY C 30 31.70 1.12 37.45
CA GLY C 30 32.73 1.27 38.49
C GLY C 30 32.53 0.41 39.73
N GLY C 31 31.27 0.17 40.08
CA GLY C 31 30.96 -0.57 41.28
C GLY C 31 30.69 -2.06 41.15
N TYR C 32 30.46 -2.51 39.92
CA TYR C 32 30.01 -3.88 39.65
C TYR C 32 30.72 -4.56 38.49
N ASN C 33 30.71 -5.87 38.53
CA ASN C 33 31.29 -6.68 37.46
C ASN C 33 30.23 -7.25 36.52
N TYR C 34 29.25 -6.43 36.13
CA TYR C 34 28.25 -6.89 35.19
C TYR C 34 28.30 -6.05 33.90
N VAL C 35 29.49 -5.94 33.35
CA VAL C 35 29.72 -5.24 32.08
C VAL C 35 29.68 -6.23 30.88
N SER C 36 28.77 -5.99 29.92
CA SER C 36 28.71 -6.81 28.73
C SER C 36 29.08 -5.98 27.49
N TRP C 37 29.47 -6.67 26.42
CA TRP C 37 29.80 -6.04 25.16
C TRP C 37 29.09 -6.75 24.06
N TYR C 38 28.45 -5.96 23.19
CA TYR C 38 27.78 -6.51 22.02
C TYR C 38 28.39 -6.02 20.73
N GLN C 39 28.37 -6.90 19.73
CA GLN C 39 28.78 -6.58 18.39
C GLN C 39 27.51 -6.51 17.54
N GLN C 40 27.37 -5.48 16.72
CA GLN C 40 26.24 -5.47 15.82
C GLN C 40 26.59 -5.05 14.41
N HIS C 41 26.49 -6.00 13.49
CA HIS C 41 26.50 -5.62 12.08
C HIS C 41 25.14 -5.00 11.73
N PRO C 42 25.14 -3.73 11.26
CA PRO C 42 23.86 -3.14 10.84
C PRO C 42 23.14 -4.10 9.91
N GLY C 43 21.84 -4.32 10.13
CA GLY C 43 21.09 -5.31 9.36
C GLY C 43 20.96 -6.65 10.08
N LYS C 44 21.64 -6.76 11.22
CA LYS C 44 21.56 -7.96 12.05
C LYS C 44 21.37 -7.56 13.49
N ALA C 45 20.90 -8.51 14.30
CA ALA C 45 20.74 -8.29 15.72
C ALA C 45 22.12 -8.33 16.34
N PRO C 46 22.25 -7.71 17.52
CA PRO C 46 23.50 -7.72 18.29
C PRO C 46 23.88 -9.13 18.71
N LYS C 47 25.18 -9.35 18.87
CA LYS C 47 25.75 -10.60 19.32
C LYS C 47 26.51 -10.31 20.60
N LEU C 48 26.26 -11.10 21.63
CA LEU C 48 27.04 -11.00 22.88
C LEU C 48 28.50 -11.49 22.73
N MET C 49 29.46 -10.59 22.95
CA MET C 49 30.87 -10.93 22.84
C MET C 49 31.51 -11.15 24.21
N ILE C 50 31.00 -10.40 25.21
CA ILE C 50 31.60 -10.41 26.55
C ILE C 50 30.50 -10.20 27.57
N TYR C 51 30.64 -10.85 28.72
CA TYR C 51 29.80 -10.59 29.86
C TYR C 51 30.64 -10.80 31.12
N GLY C 52 30.22 -10.19 32.24
CA GLY C 52 30.95 -10.33 33.49
C GLY C 52 32.32 -9.69 33.41
N VAL C 53 32.36 -8.64 32.59
CA VAL C 53 33.55 -7.82 32.33
C VAL C 53 34.56 -8.52 31.41
N THR C 54 34.85 -9.79 31.71
CA THR C 54 35.94 -10.51 31.05
C THR C 54 35.54 -11.80 30.35
N ASN C 55 34.32 -12.29 30.52
CA ASN C 55 34.00 -13.62 29.96
C ASN C 55 33.47 -13.70 28.52
N ARG C 56 34.12 -14.48 27.65
CA ARG C 56 33.53 -14.70 26.32
C ARG C 56 32.53 -15.84 26.39
N PRO C 57 31.35 -15.68 25.76
CA PRO C 57 30.52 -16.87 25.62
C PRO C 57 31.21 -17.84 24.68
N SER C 58 30.49 -18.90 24.31
CA SER C 58 30.98 -19.83 23.31
C SER C 58 30.66 -19.27 21.92
N GLY C 59 31.56 -19.52 20.97
CA GLY C 59 31.36 -19.07 19.60
C GLY C 59 31.91 -17.67 19.32
N VAL C 60 32.63 -17.14 20.31
CA VAL C 60 33.20 -15.82 20.19
C VAL C 60 34.70 -15.90 20.08
N SER C 61 35.25 -15.18 19.09
CA SER C 61 36.67 -15.20 18.86
C SER C 61 37.43 -14.75 20.09
N ASN C 62 38.60 -15.34 20.30
CA ASN C 62 39.45 -14.92 21.41
C ASN C 62 40.30 -13.67 21.10
N ARG C 63 40.08 -13.05 19.94
CA ARG C 63 40.70 -11.75 19.68
C ARG C 63 39.95 -10.63 20.39
N PHE C 64 38.84 -10.97 21.04
CA PHE C 64 38.04 -10.00 21.77
C PHE C 64 38.23 -10.30 23.23
N SER C 65 38.65 -9.31 23.99
CA SER C 65 38.77 -9.43 25.42
C SER C 65 38.23 -8.18 26.09
N GLY C 66 37.90 -8.33 27.37
CA GLY C 66 37.35 -7.24 28.15
C GLY C 66 38.19 -7.01 29.38
N SER C 67 38.20 -5.77 29.83
CA SER C 67 38.90 -5.44 31.05
C SER C 67 38.13 -4.28 31.64
N LYS C 68 38.56 -3.82 32.80
CA LYS C 68 37.93 -2.65 33.40
C LYS C 68 38.88 -2.08 34.42
N SER C 69 38.88 -0.76 34.53
CA SER C 69 39.69 -0.06 35.53
C SER C 69 38.97 1.20 35.99
N GLY C 70 38.76 1.38 37.29
CA GLY C 70 38.02 2.56 37.74
C GLY C 70 36.60 2.50 37.19
N ASN C 71 36.06 3.62 36.71
CA ASN C 71 34.70 3.60 36.20
C ASN C 71 34.57 3.31 34.70
N THR C 72 35.62 2.77 34.09
CA THR C 72 35.68 2.65 32.64
C THR C 72 36.01 1.21 32.24
N ALA C 73 35.10 0.59 31.49
CA ALA C 73 35.34 -0.74 30.94
C ALA C 73 35.94 -0.58 29.53
N SER C 74 36.61 -1.62 29.05
CA SER C 74 37.24 -1.55 27.71
C SER C 74 37.07 -2.86 27.02
N LEU C 75 36.74 -2.81 25.74
CA LEU C 75 36.78 -3.99 24.89
C LEU C 75 37.97 -3.85 23.98
N THR C 76 38.84 -4.86 23.95
CA THR C 76 40.03 -4.77 23.11
C THR C 76 39.93 -5.78 21.99
N ILE C 77 40.23 -5.32 20.78
CA ILE C 77 40.21 -6.16 19.59
C ILE C 77 41.62 -6.25 18.99
N SER C 78 42.18 -7.44 19.08
CA SER C 78 43.49 -7.73 18.48
C SER C 78 43.33 -8.42 17.11
N GLY C 79 44.39 -8.40 16.32
CA GLY C 79 44.35 -9.07 15.03
C GLY C 79 43.14 -8.60 14.25
N LEU C 80 42.90 -7.30 14.32
CA LEU C 80 41.76 -6.66 13.70
C LEU C 80 41.63 -7.00 12.22
N GLN C 81 40.43 -7.47 11.85
CA GLN C 81 40.14 -7.89 10.47
C GLN C 81 38.92 -7.19 9.84
N ALA C 82 38.83 -7.24 8.51
CA ALA C 82 37.77 -6.59 7.76
C ALA C 82 36.40 -6.83 8.38
N GLY C 83 36.13 -8.07 8.76
CA GLY C 83 34.82 -8.48 9.23
C GLY C 83 34.46 -8.02 10.64
N ASP C 84 35.36 -7.26 11.26
CA ASP C 84 35.17 -6.77 12.61
C ASP C 84 34.45 -5.42 12.54
N GLU C 85 34.39 -4.84 11.34
CA GLU C 85 33.58 -3.66 11.08
C GLU C 85 32.15 -3.87 11.59
N ALA C 86 31.73 -3.05 12.56
CA ALA C 86 30.42 -3.17 13.20
C ALA C 86 30.30 -2.05 14.21
N ASP C 87 29.14 -1.96 14.86
CA ASP C 87 28.98 -1.05 15.99
C ASP C 87 29.04 -1.94 17.22
N TYR C 88 29.78 -1.51 18.24
CA TYR C 88 29.90 -2.25 19.50
C TYR C 88 29.28 -1.44 20.61
N TYR C 89 28.47 -2.10 21.44
CA TYR C 89 27.78 -1.46 22.58
C TYR C 89 28.22 -2.15 23.85
N CYS C 90 28.61 -1.36 24.85
CA CYS C 90 28.77 -1.88 26.19
C CYS C 90 27.44 -1.78 26.93
N SER C 91 27.30 -2.49 28.04
CA SER C 91 26.12 -2.33 28.89
C SER C 91 26.52 -2.66 30.34
N SER C 92 25.68 -2.29 31.32
CA SER C 92 25.96 -2.66 32.71
C SER C 92 24.69 -2.74 33.57
N TYR C 93 24.72 -3.64 34.54
CA TYR C 93 23.84 -3.59 35.71
C TYR C 93 24.01 -2.18 36.29
N THR C 94 22.98 -1.65 36.96
CA THR C 94 23.25 -0.55 37.90
C THR C 94 22.58 -0.84 39.24
N SER C 95 23.05 -0.19 40.30
CA SER C 95 22.56 -0.38 41.65
C SER C 95 21.49 0.67 41.97
N THR C 96 21.28 1.61 41.03
CA THR C 96 20.23 2.60 41.19
C THR C 96 18.90 1.97 40.83
N ARG C 97 17.90 2.81 40.55
CA ARG C 97 16.61 2.28 40.05
C ARG C 97 16.58 2.00 38.54
N THR C 98 17.62 2.38 37.80
CA THR C 98 17.72 1.88 36.43
C THR C 98 18.45 0.52 36.43
N PRO C 99 17.73 -0.58 36.10
CA PRO C 99 18.37 -1.88 36.36
C PRO C 99 19.41 -2.32 35.31
N TYR C 100 19.33 -1.74 34.11
CA TYR C 100 20.17 -2.14 32.99
C TYR C 100 20.28 -0.98 32.02
N VAL C 101 21.44 -0.81 31.40
CA VAL C 101 21.68 0.35 30.54
C VAL C 101 22.76 0.06 29.50
N PHE C 102 22.53 0.57 28.30
CA PHE C 102 23.45 0.44 27.18
C PHE C 102 24.36 1.65 27.09
N GLY C 103 25.57 1.44 26.58
CA GLY C 103 26.42 2.55 26.18
C GLY C 103 25.93 3.14 24.87
N THR C 104 26.53 4.25 24.48
CA THR C 104 26.05 4.98 23.29
C THR C 104 26.52 4.34 21.97
N GLY C 105 27.48 3.43 22.04
CA GLY C 105 27.86 2.72 20.82
C GLY C 105 29.08 3.29 20.14
N THR C 106 29.92 2.41 19.60
CA THR C 106 31.13 2.85 18.94
C THR C 106 31.18 2.15 17.59
N LYS C 107 31.32 2.90 16.51
CA LYS C 107 31.55 2.28 15.22
C LYS C 107 33.04 2.05 15.02
N VAL C 108 33.41 0.78 14.79
CA VAL C 108 34.77 0.39 14.45
C VAL C 108 34.93 0.52 12.94
N GLU C 109 35.94 1.29 12.57
CA GLU C 109 36.28 1.51 11.20
C GLU C 109 37.60 0.81 10.89
N ILE C 110 37.69 0.17 9.72
CA ILE C 110 38.93 -0.49 9.31
C ILE C 110 39.66 0.47 8.38
N LYS C 111 40.93 0.73 8.64
CA LYS C 111 41.71 1.56 7.72
C LYS C 111 42.34 0.70 6.64
N ARG C 112 42.13 1.09 5.39
CA ARG C 112 42.73 0.42 4.26
C ARG C 112 43.45 1.43 3.37
N THR C 113 44.15 0.95 2.34
CA THR C 113 44.75 1.84 1.36
C THR C 113 43.66 2.70 0.67
N VAL C 114 44.04 3.90 0.27
CA VAL C 114 43.15 4.76 -0.49
C VAL C 114 42.66 4.03 -1.74
N ALA C 115 41.37 4.17 -2.04
CA ALA C 115 40.76 3.65 -3.25
C ALA C 115 39.91 4.74 -3.84
N ALA C 116 40.20 5.14 -5.07
CA ALA C 116 39.37 6.11 -5.80
C ALA C 116 38.04 5.48 -6.15
N PRO C 117 36.95 6.27 -6.13
CA PRO C 117 35.66 5.68 -6.53
C PRO C 117 35.65 5.43 -8.03
N SER C 118 34.89 4.43 -8.49
CA SER C 118 34.48 4.37 -9.90
C SER C 118 33.11 5.05 -10.00
N VAL C 119 33.01 5.99 -10.93
CA VAL C 119 31.81 6.82 -10.99
C VAL C 119 30.96 6.37 -12.19
N PHE C 120 29.66 6.21 -11.98
CA PHE C 120 28.77 5.92 -13.10
C PHE C 120 27.59 6.88 -13.04
N ILE C 121 27.11 7.31 -14.21
CA ILE C 121 25.95 8.19 -14.29
C ILE C 121 24.79 7.44 -15.05
N PHE C 122 23.56 7.63 -14.58
CA PHE C 122 22.38 6.96 -15.10
C PHE C 122 21.33 8.00 -15.45
N PRO C 123 20.95 8.07 -16.74
CA PRO C 123 19.83 8.95 -17.11
C PRO C 123 18.48 8.42 -16.58
N PRO C 124 17.45 9.26 -16.55
CA PRO C 124 16.17 8.76 -16.06
C PRO C 124 15.55 7.82 -17.09
N SER C 125 14.73 6.86 -16.65
CA SER C 125 14.02 5.98 -17.57
C SER C 125 12.89 6.74 -18.26
N ASP C 126 12.60 6.32 -19.49
CA ASP C 126 11.45 6.87 -20.20
C ASP C 126 10.17 6.62 -19.41
N GLU C 127 10.06 5.47 -18.78
CA GLU C 127 8.89 5.20 -17.95
C GLU C 127 8.63 6.24 -16.85
N GLN C 128 9.67 6.56 -16.08
CA GLN C 128 9.48 7.53 -15.03
C GLN C 128 9.16 8.87 -15.65
N LEU C 129 9.73 9.07 -16.84
CA LEU C 129 9.50 10.29 -17.61
C LEU C 129 8.04 10.40 -18.06
N LYS C 130 7.46 9.28 -18.48
CA LYS C 130 6.04 9.27 -18.76
C LYS C 130 5.31 9.94 -17.59
N SER C 131 5.63 9.58 -16.35
CA SER C 131 4.87 10.12 -15.22
C SER C 131 5.32 11.49 -14.69
N GLY C 132 6.22 12.16 -15.40
CA GLY C 132 6.48 13.57 -15.16
C GLY C 132 7.64 14.04 -14.26
N THR C 133 8.58 13.15 -13.99
CA THR C 133 9.74 13.52 -13.16
C THR C 133 10.95 12.77 -13.66
N ALA C 134 12.10 13.40 -13.56
CA ALA C 134 13.36 12.80 -13.97
C ALA C 134 14.26 12.69 -12.74
N SER C 135 14.61 11.45 -12.37
CA SER C 135 15.60 11.21 -11.33
C SER C 135 16.85 10.84 -12.06
N VAL C 136 17.93 11.56 -11.74
CA VAL C 136 19.22 11.27 -12.35
C VAL C 136 20.08 10.72 -11.22
N VAL C 137 20.74 9.61 -11.50
CA VAL C 137 21.53 8.88 -10.50
C VAL C 137 23.02 8.80 -10.87
N CYS C 138 23.83 9.20 -9.92
CA CYS C 138 25.25 8.99 -9.99
C CYS C 138 25.71 8.09 -8.84
N LEU C 139 26.50 7.08 -9.20
CA LEU C 139 27.10 6.13 -8.27
C LEU C 139 28.61 6.37 -8.10
N LEU C 140 29.05 6.50 -6.86
CA LEU C 140 30.48 6.46 -6.49
C LEU C 140 30.72 5.10 -5.86
N ASN C 141 31.43 4.24 -6.58
CA ASN C 141 31.53 2.83 -6.21
C ASN C 141 32.87 2.44 -5.55
N ASN C 142 32.79 1.81 -4.38
CA ASN C 142 33.93 1.15 -3.76
C ASN C 142 35.17 1.99 -3.47
N PHE C 143 35.05 3.00 -2.60
CA PHE C 143 36.16 3.92 -2.34
C PHE C 143 36.51 3.99 -0.86
N TYR C 144 37.73 4.45 -0.58
CA TYR C 144 38.20 4.64 0.78
C TYR C 144 39.24 5.75 0.71
N PRO C 145 39.27 6.64 1.71
CA PRO C 145 38.38 6.69 2.87
C PRO C 145 37.01 7.24 2.50
N ARG C 146 36.23 7.56 3.52
CA ARG C 146 34.81 7.80 3.34
C ARG C 146 34.46 9.20 2.81
N GLU C 147 35.31 10.18 3.07
CA GLU C 147 34.98 11.54 2.67
C GLU C 147 35.03 11.65 1.17
N ALA C 148 34.00 12.25 0.58
CA ALA C 148 34.01 12.63 -0.83
C ALA C 148 32.96 13.73 -1.04
N LYS C 149 33.00 14.38 -2.19
CA LYS C 149 32.00 15.41 -2.50
C LYS C 149 31.45 15.17 -3.92
N VAL C 150 30.13 15.34 -4.09
CA VAL C 150 29.51 15.17 -5.41
C VAL C 150 28.75 16.42 -5.79
N GLN C 151 28.96 16.87 -7.01
CA GLN C 151 28.21 18.01 -7.47
C GLN C 151 27.64 17.78 -8.85
N TRP C 152 26.39 18.22 -9.04
CA TRP C 152 25.70 18.05 -10.30
C TRP C 152 25.75 19.32 -11.11
N LYS C 153 26.04 19.17 -12.39
CA LYS C 153 25.97 20.29 -13.29
C LYS C 153 24.99 19.94 -14.39
N VAL C 154 24.10 20.88 -14.69
CA VAL C 154 23.16 20.74 -15.80
C VAL C 154 23.47 21.86 -16.78
N ASP C 155 23.83 21.50 -17.99
CA ASP C 155 24.37 22.48 -18.93
C ASP C 155 25.32 23.38 -18.16
N ASN C 156 26.22 22.69 -17.47
CA ASN C 156 27.33 23.30 -16.76
C ASN C 156 26.91 24.32 -15.71
N ALA C 157 25.71 24.14 -15.20
CA ALA C 157 25.23 24.98 -14.12
C ALA C 157 25.25 24.11 -12.88
N LEU C 158 25.95 24.60 -11.87
CA LEU C 158 25.96 23.99 -10.56
C LEU C 158 24.58 24.04 -9.92
N GLN C 159 24.10 22.87 -9.53
CA GLN C 159 22.79 22.71 -8.90
C GLN C 159 22.88 22.87 -7.38
N SER C 160 21.75 23.20 -6.76
CA SER C 160 21.70 23.36 -5.31
C SER C 160 20.36 22.86 -4.83
N GLY C 161 20.38 21.99 -3.82
CA GLY C 161 19.17 21.62 -3.10
C GLY C 161 18.20 20.64 -3.75
N ASN C 162 18.55 20.09 -4.91
CA ASN C 162 17.71 19.09 -5.51
C ASN C 162 18.38 17.72 -5.64
N SER C 163 19.35 17.44 -4.78
CA SER C 163 20.09 16.21 -4.83
C SER C 163 20.16 15.62 -3.43
N GLN C 164 20.09 14.30 -3.33
CA GLN C 164 20.14 13.64 -2.04
C GLN C 164 21.06 12.46 -2.14
N GLU C 165 21.81 12.23 -1.06
CA GLU C 165 22.81 11.18 -1.05
C GLU C 165 22.52 10.09 -0.04
N SER C 166 22.97 8.88 -0.36
CA SER C 166 22.94 7.79 0.59
C SER C 166 24.32 7.07 0.54
N VAL C 167 24.90 6.76 1.71
CA VAL C 167 26.20 6.10 1.78
C VAL C 167 26.01 4.71 2.35
N THR C 168 26.69 3.71 1.80
CA THR C 168 26.66 2.36 2.41
C THR C 168 27.54 2.22 3.66
N GLU C 169 27.31 1.13 4.39
CA GLU C 169 28.17 0.78 5.50
C GLU C 169 29.48 0.28 4.89
N GLN C 170 30.60 0.52 5.58
CA GLN C 170 31.89 -0.01 5.14
C GLN C 170 31.77 -1.50 4.80
N ASP C 171 32.25 -1.89 3.64
CA ASP C 171 32.16 -3.28 3.23
C ASP C 171 32.96 -4.22 4.11
N SER C 172 32.37 -5.36 4.46
CA SER C 172 33.02 -6.25 5.43
C SER C 172 34.16 -7.09 4.83
N LYS C 173 34.32 -7.07 3.51
CA LYS C 173 35.41 -7.79 2.85
C LYS C 173 36.52 -6.84 2.43
N ASP C 174 36.17 -5.80 1.66
CA ASP C 174 37.17 -4.94 1.04
C ASP C 174 37.32 -3.57 1.72
N SER C 175 36.53 -3.33 2.76
CA SER C 175 36.63 -2.11 3.58
C SER C 175 36.36 -0.79 2.85
N THR C 176 35.60 -0.82 1.76
CA THR C 176 35.29 0.41 1.04
C THR C 176 33.88 0.91 1.32
N TYR C 177 33.58 2.11 0.83
CA TYR C 177 32.25 2.68 0.89
C TYR C 177 31.73 2.89 -0.52
N SER C 178 30.41 2.95 -0.67
CA SER C 178 29.81 3.45 -1.90
C SER C 178 28.76 4.50 -1.60
N LEU C 179 28.51 5.38 -2.57
CA LEU C 179 27.62 6.51 -2.40
C LEU C 179 26.70 6.62 -3.61
N SER C 180 25.41 6.84 -3.34
CA SER C 180 24.51 7.27 -4.42
C SER C 180 24.19 8.77 -4.27
N SER C 181 24.13 9.48 -5.40
CA SER C 181 23.56 10.82 -5.37
C SER C 181 22.45 10.82 -6.36
N THR C 182 21.28 11.33 -5.97
CA THR C 182 20.14 11.33 -6.87
C THR C 182 19.63 12.77 -7.03
N LEU C 183 19.58 13.24 -8.27
CA LEU C 183 19.14 14.58 -8.62
C LEU C 183 17.74 14.45 -9.17
N THR C 184 16.79 15.13 -8.55
CA THR C 184 15.39 15.04 -8.96
C THR C 184 14.91 16.38 -9.53
N LEU C 185 14.32 16.27 -10.73
CA LEU C 185 13.80 17.39 -11.53
C LEU C 185 12.37 17.10 -11.96
N SER C 186 11.60 18.15 -12.19
CA SER C 186 10.34 18.02 -12.93
C SER C 186 10.72 17.58 -14.35
N LYS C 187 9.85 16.82 -15.00
CA LYS C 187 10.11 16.37 -16.37
C LYS C 187 10.23 17.58 -17.28
N ALA C 188 9.50 18.63 -16.94
CA ALA C 188 9.59 19.87 -17.70
C ALA C 188 11.03 20.42 -17.65
N ASP C 189 11.62 20.46 -16.46
CA ASP C 189 13.03 20.87 -16.33
C ASP C 189 14.05 19.94 -17.01
N TYR C 190 13.84 18.63 -16.95
CA TYR C 190 14.68 17.64 -17.65
C TYR C 190 14.65 17.85 -19.17
N GLU C 191 13.51 18.36 -19.66
CA GLU C 191 13.28 18.71 -21.07
C GLU C 191 13.91 20.03 -21.53
N LYS C 192 14.24 20.92 -20.62
CA LYS C 192 14.86 22.18 -21.02
C LYS C 192 16.40 22.16 -21.22
N HIS C 193 17.09 21.14 -20.71
CA HIS C 193 18.54 21.10 -20.76
C HIS C 193 18.98 19.78 -21.37
N LYS C 194 20.21 19.73 -21.89
CA LYS C 194 20.73 18.52 -22.54
C LYS C 194 21.84 17.84 -21.76
N VAL C 195 22.70 18.62 -21.10
CA VAL C 195 23.90 18.02 -20.48
C VAL C 195 23.78 17.84 -18.98
N TYR C 196 23.80 16.58 -18.57
CA TYR C 196 23.76 16.20 -17.16
C TYR C 196 25.09 15.64 -16.72
N ALA C 197 25.65 16.27 -15.69
CA ALA C 197 27.01 15.98 -15.28
C ALA C 197 27.06 15.80 -13.78
N CYS C 198 27.84 14.81 -13.41
CA CYS C 198 28.07 14.40 -12.05
C CYS C 198 29.57 14.70 -11.82
N GLU C 199 29.88 15.59 -10.88
CA GLU C 199 31.27 15.89 -10.52
C GLU C 199 31.66 15.34 -9.13
N VAL C 200 32.74 14.58 -9.09
CA VAL C 200 33.17 13.84 -7.89
C VAL C 200 34.62 14.15 -7.50
N THR C 201 34.85 14.59 -6.28
CA THR C 201 36.22 14.71 -5.80
C THR C 201 36.37 13.84 -4.56
N HIS C 202 37.55 13.24 -4.43
CA HIS C 202 37.84 12.28 -3.37
C HIS C 202 39.35 12.42 -3.20
N GLN C 203 39.88 11.98 -2.07
CA GLN C 203 41.34 12.01 -1.93
C GLN C 203 42.05 11.12 -2.95
N GLY C 204 41.34 10.12 -3.50
CA GLY C 204 41.95 9.17 -4.39
C GLY C 204 42.01 9.74 -5.79
N LEU C 205 41.34 10.88 -5.95
CA LEU C 205 41.33 11.63 -7.21
C LEU C 205 42.12 12.94 -7.11
N SER C 206 43.19 13.04 -7.92
CA SER C 206 43.98 14.27 -8.02
C SER C 206 43.16 15.34 -8.72
N SER C 207 42.63 14.96 -9.90
CA SER C 207 41.59 15.74 -10.58
C SER C 207 40.23 15.02 -10.51
N PRO C 208 39.20 15.80 -10.23
CA PRO C 208 37.81 15.47 -9.96
C PRO C 208 37.20 14.84 -11.17
N VAL C 209 36.41 13.80 -10.97
CA VAL C 209 35.87 13.02 -12.07
C VAL C 209 34.45 13.46 -12.42
N THR C 210 34.24 13.73 -13.70
CA THR C 210 32.91 14.05 -14.19
C THR C 210 32.42 12.96 -15.12
N LYS C 211 31.27 12.36 -14.80
CA LYS C 211 30.62 11.44 -15.71
C LYS C 211 29.41 12.19 -16.23
N SER C 212 29.13 12.07 -17.52
CA SER C 212 27.99 12.82 -18.04
C SER C 212 27.27 12.10 -19.19
N PHE C 213 26.11 12.64 -19.56
CA PHE C 213 25.34 12.16 -20.72
C PHE C 213 24.55 13.33 -21.33
N ASN C 214 24.20 13.20 -22.61
CA ASN C 214 23.32 14.15 -23.30
C ASN C 214 21.91 13.62 -23.35
N ARG C 215 20.96 14.37 -22.85
CA ARG C 215 19.59 13.91 -22.89
C ARG C 215 19.26 13.55 -24.33
N GLY C 216 18.71 12.36 -24.54
CA GLY C 216 18.29 11.96 -25.87
C GLY C 216 19.24 10.99 -26.55
N GLU C 217 20.45 11.46 -26.86
CA GLU C 217 21.49 10.70 -27.57
C GLU C 217 21.55 9.15 -27.39
N CYS C 218 22.16 8.47 -28.36
CA CYS C 218 22.21 6.99 -28.43
C CYS C 218 23.65 6.45 -28.67
N PCA D 1 18.84 -26.48 17.41
CA PCA D 1 19.07 -25.14 16.86
CB PCA D 1 18.26 -25.02 15.58
CG PCA D 1 17.02 -25.88 15.83
CD PCA D 1 17.44 -26.72 17.02
OE PCA D 1 16.66 -27.52 17.56
C PCA D 1 18.50 -24.08 17.77
O PCA D 1 17.41 -23.62 17.52
N VAL D 2 19.21 -23.66 18.80
CA VAL D 2 18.64 -22.65 19.68
C VAL D 2 18.31 -21.38 18.89
N GLN D 3 17.02 -20.99 18.88
CA GLN D 3 16.59 -19.79 18.17
C GLN D 3 15.41 -19.08 18.82
N LEU D 4 15.22 -17.82 18.42
CA LEU D 4 14.06 -17.00 18.79
C LEU D 4 13.45 -16.39 17.52
N VAL D 5 12.17 -16.60 17.29
CA VAL D 5 11.61 -16.11 16.04
C VAL D 5 10.47 -15.10 16.28
N GLU D 6 10.68 -13.89 15.77
CA GLU D 6 9.77 -12.78 16.06
C GLU D 6 8.72 -12.56 14.99
N SER D 7 7.61 -11.93 15.39
CA SER D 7 6.58 -11.55 14.45
C SER D 7 5.67 -10.49 15.07
N GLY D 8 4.87 -9.84 14.22
CA GLY D 8 3.86 -8.94 14.72
C GLY D 8 4.11 -7.47 14.55
N GLY D 9 5.22 -7.10 13.93
CA GLY D 9 5.52 -5.69 13.71
C GLY D 9 4.78 -5.09 12.51
N GLY D 10 4.73 -3.76 12.46
CA GLY D 10 4.06 -3.07 11.36
C GLY D 10 3.89 -1.57 11.49
N LEU D 11 2.96 -1.04 10.71
CA LEU D 11 2.64 0.39 10.71
C LEU D 11 1.48 0.61 11.64
N VAL D 12 1.55 1.71 12.40
CA VAL D 12 0.51 2.10 13.34
C VAL D 12 0.45 3.62 13.49
N GLN D 13 -0.77 4.15 13.52
CA GLN D 13 -0.99 5.55 13.77
C GLN D 13 -0.64 5.85 15.21
N PRO D 14 -0.17 7.08 15.47
CA PRO D 14 0.11 7.47 16.83
C PRO D 14 -1.12 7.29 17.68
N GLY D 15 -1.08 6.37 18.65
CA GLY D 15 -2.19 6.12 19.54
C GLY D 15 -2.63 4.67 19.54
N GLY D 16 -2.23 3.91 18.53
CA GLY D 16 -2.63 2.51 18.48
C GLY D 16 -1.90 1.48 19.32
N SER D 17 -2.13 0.22 18.99
CA SER D 17 -1.58 -0.87 19.75
C SER D 17 -1.14 -1.98 18.82
N LEU D 18 -0.09 -2.68 19.25
CA LEU D 18 0.50 -3.79 18.50
C LEU D 18 0.89 -4.87 19.52
N ARG D 19 0.99 -6.12 19.10
CA ARG D 19 1.55 -7.14 19.98
C ARG D 19 2.64 -7.92 19.28
N LEU D 20 3.84 -7.93 19.86
CA LEU D 20 4.94 -8.67 19.29
C LEU D 20 5.01 -10.07 19.86
N SER D 21 5.53 -10.98 19.05
CA SER D 21 5.67 -12.34 19.49
C SER D 21 7.07 -12.85 19.34
N CYS D 22 7.51 -13.64 20.30
CA CYS D 22 8.84 -14.18 20.24
C CYS D 22 8.84 -15.68 20.54
N ALA D 23 9.04 -16.47 19.51
CA ALA D 23 8.94 -17.92 19.62
C ALA D 23 10.29 -18.56 19.82
N ALA D 24 10.45 -19.20 20.98
CA ALA D 24 11.70 -19.82 21.37
C ALA D 24 11.76 -21.31 20.99
N SER D 25 12.95 -21.79 20.59
CA SER D 25 13.17 -23.24 20.46
C SER D 25 14.65 -23.64 20.67
N GLY D 26 14.87 -24.92 20.92
CA GLY D 26 16.21 -25.45 21.10
C GLY D 26 16.78 -25.33 22.52
N PHE D 27 15.99 -24.78 23.44
CA PHE D 27 16.41 -24.65 24.84
C PHE D 27 15.18 -24.61 25.76
N THR D 28 15.44 -24.57 27.07
CA THR D 28 14.40 -24.71 28.09
C THR D 28 13.85 -23.35 28.49
N PHE D 29 12.92 -22.87 27.68
CA PHE D 29 12.40 -21.51 27.77
C PHE D 29 12.06 -21.01 29.18
N SER D 30 11.49 -21.88 29.99
CA SER D 30 11.02 -21.48 31.31
C SER D 30 12.17 -21.16 32.28
N SER D 31 13.37 -21.67 32.01
CA SER D 31 14.46 -21.49 32.94
C SER D 31 15.01 -20.04 32.94
N TYR D 32 14.74 -19.25 31.90
CA TYR D 32 15.48 -17.96 31.65
C TYR D 32 14.70 -16.64 31.61
N ALA D 33 15.33 -15.55 32.08
CA ALA D 33 14.67 -14.23 32.01
C ALA D 33 14.65 -13.73 30.56
N MET D 34 13.68 -12.91 30.23
CA MET D 34 13.52 -12.42 28.85
C MET D 34 13.52 -10.91 28.75
N SER D 35 14.03 -10.43 27.62
CA SER D 35 14.13 -9.01 27.41
C SER D 35 13.59 -8.60 26.05
N TRP D 36 13.12 -7.35 25.98
CA TRP D 36 12.93 -6.63 24.74
C TRP D 36 13.85 -5.42 24.80
N VAL D 37 14.38 -5.06 23.62
CA VAL D 37 15.33 -3.99 23.44
C VAL D 37 14.96 -3.38 22.10
N ARG D 38 15.06 -2.07 21.95
CA ARG D 38 14.76 -1.50 20.65
C ARG D 38 15.83 -0.57 20.06
N GLN D 39 15.72 -0.32 18.76
CA GLN D 39 16.71 0.49 18.07
C GLN D 39 16.06 1.39 17.04
N ALA D 40 15.96 2.68 17.36
CA ALA D 40 15.41 3.63 16.40
C ALA D 40 16.35 3.64 15.22
N PRO D 41 15.82 3.85 14.01
CA PRO D 41 16.64 3.82 12.81
C PRO D 41 17.88 4.72 12.93
N GLY D 42 19.06 4.11 12.87
CA GLY D 42 20.30 4.86 12.99
C GLY D 42 20.63 5.32 14.39
N LYS D 43 19.98 4.74 15.41
CA LYS D 43 20.37 5.12 16.75
C LYS D 43 20.94 3.92 17.48
N GLY D 44 21.16 4.07 18.79
CA GLY D 44 21.73 3.00 19.56
C GLY D 44 20.69 2.02 20.06
N LEU D 45 21.17 1.04 20.82
CA LEU D 45 20.30 0.09 21.48
C LEU D 45 19.69 0.69 22.74
N GLU D 46 18.39 0.49 22.93
CA GLU D 46 17.74 0.93 24.17
C GLU D 46 17.02 -0.25 24.82
N TRP D 47 17.32 -0.53 26.08
CA TRP D 47 16.61 -1.60 26.78
C TRP D 47 15.14 -1.22 27.11
N VAL D 48 14.22 -2.17 26.95
CA VAL D 48 12.79 -1.88 27.02
C VAL D 48 12.12 -2.57 28.18
N SER D 49 12.35 -3.86 28.33
CA SER D 49 11.60 -4.59 29.34
C SER D 49 12.21 -5.98 29.56
N ALA D 50 11.92 -6.57 30.72
CA ALA D 50 12.34 -7.95 31.00
C ALA D 50 11.36 -8.74 31.90
N ILE D 51 11.43 -10.08 31.83
CA ILE D 51 10.54 -10.95 32.60
C ILE D 51 11.29 -12.20 33.09
N SER D 52 11.02 -12.59 34.36
CA SER D 52 11.62 -13.76 34.99
C SER D 52 11.23 -15.05 34.28
N GLY D 53 12.00 -16.11 34.52
CA GLY D 53 11.83 -17.36 33.80
C GLY D 53 10.46 -17.99 33.95
N SER D 54 10.10 -18.31 35.19
CA SER D 54 8.78 -18.80 35.56
C SER D 54 7.63 -17.87 35.10
N GLY D 55 7.94 -16.58 34.97
CA GLY D 55 6.97 -15.64 34.43
C GLY D 55 6.64 -14.47 35.31
N GLY D 56 7.05 -14.52 36.57
CA GLY D 56 6.41 -13.65 37.55
C GLY D 56 6.84 -12.25 37.96
N SER D 57 7.59 -11.48 37.14
CA SER D 57 8.00 -10.10 37.57
C SER D 57 8.36 -9.17 36.36
N THR D 58 8.32 -7.82 36.50
CA THR D 58 8.51 -6.94 35.30
C THR D 58 9.16 -5.55 35.51
N TYR D 59 9.84 -5.02 34.47
CA TYR D 59 10.55 -3.73 34.58
C TYR D 59 10.54 -2.94 33.29
N TYR D 60 10.77 -1.64 33.39
CA TYR D 60 10.66 -0.80 32.20
C TYR D 60 11.64 0.35 32.21
N ALA D 61 12.15 0.67 31.03
CA ALA D 61 12.75 1.97 30.82
C ALA D 61 11.63 2.92 31.13
N ASP D 62 11.92 3.99 31.85
CA ASP D 62 10.85 4.95 32.11
C ASP D 62 10.58 5.65 30.80
N SER D 63 10.82 4.90 29.72
CA SER D 63 10.34 5.26 28.40
C SER D 63 9.05 4.51 27.98
N VAL D 64 8.85 3.29 28.47
CA VAL D 64 7.66 2.53 28.10
C VAL D 64 6.77 2.19 29.29
N LYS D 65 7.20 2.54 30.50
CA LYS D 65 6.48 2.08 31.68
C LYS D 65 5.00 2.50 31.72
N GLY D 66 4.13 1.52 31.95
CA GLY D 66 2.71 1.75 31.90
C GLY D 66 2.02 1.66 30.54
N ARG D 67 2.77 1.81 29.44
CA ARG D 67 2.25 1.66 28.06
C ARG D 67 2.45 0.24 27.53
N PHE D 68 3.59 -0.37 27.84
CA PHE D 68 3.88 -1.71 27.32
C PHE D 68 3.68 -2.78 28.37
N THR D 69 3.41 -3.99 27.91
CA THR D 69 3.21 -5.13 28.80
C THR D 69 3.88 -6.39 28.27
N ILE D 70 4.91 -6.83 28.98
CA ILE D 70 5.60 -8.07 28.66
C ILE D 70 4.90 -9.26 29.34
N SER D 71 4.75 -10.33 28.61
CA SER D 71 4.21 -11.50 29.24
C SER D 71 4.92 -12.60 28.53
N ARG D 72 4.90 -13.77 29.13
CA ARG D 72 5.32 -14.89 28.38
C ARG D 72 4.21 -15.80 28.75
N ASP D 73 3.24 -15.89 27.87
CA ASP D 73 2.40 -17.01 28.02
C ASP D 73 3.49 -18.12 27.99
N ASN D 74 3.85 -18.58 29.18
CA ASN D 74 4.80 -19.67 29.28
C ASN D 74 4.19 -20.90 28.70
N SER D 75 2.89 -21.03 28.91
CA SER D 75 2.11 -22.17 28.44
C SER D 75 2.16 -22.18 26.96
N LYS D 76 2.39 -21.00 26.39
CA LYS D 76 2.66 -20.92 24.95
C LYS D 76 4.15 -21.13 24.51
N ASN D 77 5.13 -20.88 25.43
CA ASN D 77 6.56 -21.08 25.10
C ASN D 77 7.03 -20.03 24.08
N THR D 78 6.31 -18.92 24.10
CA THR D 78 6.57 -17.74 23.31
C THR D 78 6.53 -16.59 24.31
N LEU D 79 7.23 -15.51 24.00
CA LEU D 79 7.22 -14.26 24.78
C LEU D 79 6.44 -13.19 24.02
N TYR D 80 5.85 -12.23 24.73
CA TYR D 80 4.93 -11.28 24.12
C TYR D 80 5.30 -9.88 24.54
N LEU D 81 4.85 -8.88 23.77
CA LEU D 81 4.93 -7.47 24.18
C LEU D 81 3.79 -6.54 23.69
N GLN D 82 3.20 -5.71 24.60
CA GLN D 82 2.04 -4.80 24.29
C GLN D 82 2.20 -3.24 24.40
N MET D 83 1.86 -2.52 23.33
CA MET D 83 2.21 -1.08 23.22
C MET D 83 1.07 -0.05 22.98
N ASN D 84 0.83 0.87 23.93
CA ASN D 84 -0.24 1.87 23.81
C ASN D 84 0.19 3.33 23.62
N SER D 85 -0.76 4.18 23.23
CA SER D 85 -0.50 5.62 23.11
C SER D 85 0.78 5.93 22.35
N LEU D 86 0.98 5.23 21.22
CA LEU D 86 2.27 5.23 20.55
C LEU D 86 2.69 6.60 20.04
N ARG D 87 3.98 6.89 20.12
CA ARG D 87 4.49 8.17 19.67
C ARG D 87 5.45 7.96 18.54
N ALA D 88 5.82 9.05 17.89
CA ALA D 88 6.86 9.06 16.90
C ALA D 88 8.17 8.50 17.49
N GLU D 89 8.55 8.98 18.68
CA GLU D 89 9.69 8.46 19.42
C GLU D 89 9.76 6.95 19.43
N ASP D 90 8.61 6.29 19.35
CA ASP D 90 8.58 4.85 19.55
C ASP D 90 8.93 4.02 18.29
N THR D 91 9.01 4.66 17.14
CA THR D 91 9.41 4.00 15.88
C THR D 91 10.77 3.33 16.08
N ALA D 92 10.89 2.04 15.74
CA ALA D 92 12.12 1.29 16.04
C ALA D 92 12.03 -0.18 15.69
N VAL D 93 13.19 -0.82 15.57
CA VAL D 93 13.24 -2.28 15.42
C VAL D 93 13.27 -2.86 16.82
N TYR D 94 12.39 -3.83 17.06
CA TYR D 94 12.18 -4.45 18.38
C TYR D 94 12.75 -5.82 18.39
N TYR D 95 13.68 -6.05 19.31
CA TYR D 95 14.29 -7.36 19.43
C TYR D 95 13.85 -8.01 20.71
N CYS D 96 13.54 -9.29 20.63
CA CYS D 96 13.44 -10.06 21.86
C CYS D 96 14.78 -10.76 22.12
N ALA D 97 15.08 -11.00 23.39
CA ALA D 97 16.31 -11.69 23.71
C ALA D 97 16.28 -12.26 25.10
N ARG D 98 17.13 -13.24 25.30
CA ARG D 98 17.14 -14.04 26.50
C ARG D 98 18.41 -13.73 27.29
N ASP D 99 18.33 -13.63 28.62
CA ASP D 99 19.53 -13.71 29.45
C ASP D 99 19.73 -15.19 29.82
N PRO D 100 20.90 -15.75 29.51
CA PRO D 100 21.10 -17.20 29.65
C PRO D 100 21.49 -17.64 31.05
N GLY D 101 21.32 -16.81 32.07
CA GLY D 101 21.69 -17.24 33.41
C GLY D 101 20.60 -18.19 33.90
N LEU D 102 20.98 -19.38 34.37
CA LEU D 102 20.03 -20.42 34.78
C LEU D 102 19.58 -20.26 36.24
N TRP D 103 20.55 -20.02 37.14
CA TRP D 103 20.24 -19.79 38.58
C TRP D 103 20.47 -18.36 39.02
N ASP D 104 21.08 -17.56 38.15
CA ASP D 104 21.04 -16.10 38.31
C ASP D 104 21.19 -15.47 36.92
N TYR D 105 21.75 -14.27 36.82
CA TYR D 105 21.74 -13.54 35.56
C TYR D 105 23.16 -13.20 35.13
N TYR D 106 23.40 -13.15 33.82
CA TYR D 106 24.70 -12.71 33.30
C TYR D 106 24.72 -11.20 33.14
N TYR D 107 23.53 -10.62 33.11
CA TYR D 107 23.39 -9.27 32.60
C TYR D 107 23.99 -9.13 31.21
N GLY D 108 23.74 -10.14 30.39
CA GLY D 108 24.09 -10.16 28.99
C GLY D 108 23.03 -11.03 28.32
N MET D 109 22.64 -10.66 27.10
CA MET D 109 21.62 -11.39 26.36
C MET D 109 22.28 -12.13 25.23
N ASP D 110 22.14 -13.45 25.19
CA ASP D 110 22.92 -14.26 24.24
C ASP D 110 22.20 -14.71 22.98
N VAL D 111 20.89 -14.87 23.06
CA VAL D 111 20.02 -15.20 21.91
C VAL D 111 19.04 -14.06 21.63
N TRP D 112 18.94 -13.67 20.36
CA TRP D 112 18.16 -12.50 19.94
C TRP D 112 17.14 -12.86 18.84
N GLY D 113 15.96 -12.25 18.91
CA GLY D 113 15.01 -12.34 17.82
C GLY D 113 15.58 -11.68 16.58
N GLN D 114 14.96 -11.91 15.43
CA GLN D 114 15.46 -11.33 14.19
C GLN D 114 15.12 -9.84 14.11
N GLY D 115 14.32 -9.37 15.06
CA GLY D 115 13.88 -8.00 15.08
C GLY D 115 12.61 -7.92 14.26
N THR D 116 11.79 -6.95 14.61
CA THR D 116 10.63 -6.60 13.80
C THR D 116 10.36 -5.11 13.91
N LEU D 117 10.09 -4.45 12.78
CA LEU D 117 9.97 -3.00 12.74
C LEU D 117 8.55 -2.54 13.08
N VAL D 118 8.47 -1.59 14.00
CA VAL D 118 7.25 -0.86 14.33
C VAL D 118 7.43 0.61 13.93
N THR D 119 6.62 1.10 13.00
CA THR D 119 6.64 2.50 12.58
C THR D 119 5.38 3.19 13.09
N VAL D 120 5.55 4.33 13.74
CA VAL D 120 4.46 5.13 14.27
C VAL D 120 4.42 6.48 13.55
N SER D 121 3.52 6.57 12.56
CA SER D 121 3.40 7.74 11.70
C SER D 121 1.94 7.92 11.35
N SER D 122 1.58 9.14 10.97
CA SER D 122 0.25 9.43 10.44
C SER D 122 0.15 9.03 8.96
N ALA D 123 1.29 9.04 8.25
CA ALA D 123 1.29 8.79 6.80
C ALA D 123 0.89 7.36 6.41
N SER D 124 0.21 7.23 5.27
CA SER D 124 -0.32 5.95 4.87
C SER D 124 0.78 5.12 4.25
N THR D 125 0.55 3.82 4.13
CA THR D 125 1.33 2.98 3.23
C THR D 125 1.24 3.47 1.76
N LYS D 126 2.34 3.29 1.06
CA LYS D 126 2.47 3.71 -0.34
C LYS D 126 3.50 2.77 -0.94
N GLY D 127 3.18 2.10 -2.05
CA GLY D 127 4.16 1.24 -2.69
C GLY D 127 5.14 2.01 -3.56
N PRO D 128 6.34 1.43 -3.78
CA PRO D 128 7.31 2.16 -4.60
C PRO D 128 7.07 1.99 -6.11
N SER D 129 7.52 3.00 -6.86
CA SER D 129 7.72 2.89 -8.30
C SER D 129 9.12 2.36 -8.49
N VAL D 130 9.31 1.48 -9.47
CA VAL D 130 10.62 0.84 -9.67
C VAL D 130 11.08 1.11 -11.10
N PHE D 131 12.25 1.74 -11.25
CA PHE D 131 12.76 2.18 -12.55
C PHE D 131 14.15 1.59 -12.80
N PRO D 132 14.45 1.26 -14.06
CA PRO D 132 15.78 0.69 -14.33
C PRO D 132 16.85 1.76 -14.34
N LEU D 133 18.04 1.40 -13.87
CA LEU D 133 19.23 2.20 -14.01
C LEU D 133 20.08 1.49 -15.06
N ALA D 134 20.12 2.05 -16.27
CA ALA D 134 20.66 1.30 -17.40
C ALA D 134 22.16 1.55 -17.64
N PRO D 135 22.92 0.46 -17.76
CA PRO D 135 24.39 0.52 -17.97
C PRO D 135 24.73 1.02 -19.38
N SER D 136 25.93 1.54 -19.63
CA SER D 136 26.48 1.50 -21.01
C SER D 136 27.97 1.70 -21.12
N SER D 137 28.40 2.96 -21.02
CA SER D 137 29.83 3.35 -21.12
C SER D 137 30.10 4.60 -20.28
N LYS D 138 29.03 5.26 -19.80
CA LYS D 138 29.05 6.35 -18.78
C LYS D 138 28.70 5.69 -17.47
N SER D 139 28.37 4.40 -17.67
CA SER D 139 28.14 3.33 -16.67
C SER D 139 29.05 2.14 -17.08
N THR D 140 30.33 2.46 -17.21
CA THR D 140 31.34 1.53 -17.66
C THR D 140 32.64 2.35 -17.51
N SER D 141 33.35 2.17 -16.40
CA SER D 141 34.68 2.79 -16.26
C SER D 141 35.71 2.02 -17.14
N GLY D 142 35.30 1.76 -18.39
CA GLY D 142 36.04 1.02 -19.42
C GLY D 142 35.39 -0.29 -19.84
N GLY D 143 35.51 -1.29 -18.95
CA GLY D 143 35.01 -2.64 -19.16
C GLY D 143 34.50 -3.25 -17.87
N THR D 144 34.10 -2.40 -16.93
CA THR D 144 33.22 -2.82 -15.83
C THR D 144 32.01 -1.93 -15.96
N ALA D 145 30.82 -2.52 -15.99
CA ALA D 145 29.64 -1.71 -16.16
C ALA D 145 28.84 -1.74 -14.85
N ALA D 146 28.12 -0.66 -14.57
CA ALA D 146 27.19 -0.62 -13.45
C ALA D 146 25.77 -0.61 -13.96
N LEU D 147 24.88 -1.25 -13.22
CA LEU D 147 23.47 -1.19 -13.57
C LEU D 147 22.73 -1.29 -12.24
N GLY D 148 21.44 -1.02 -12.25
CA GLY D 148 20.69 -1.01 -11.01
C GLY D 148 19.20 -0.77 -11.23
N CYS D 149 18.48 -0.62 -10.11
CA CYS D 149 17.09 -0.18 -10.08
C CYS D 149 16.87 0.90 -9.02
N LEU D 150 16.07 1.90 -9.37
CA LEU D 150 15.67 2.95 -8.47
C LEU D 150 14.32 2.55 -7.92
N VAL D 151 14.22 2.54 -6.58
CA VAL D 151 13.02 2.11 -5.90
C VAL D 151 12.48 3.35 -5.19
N LYS D 152 11.49 3.98 -5.82
CA LYS D 152 11.10 5.36 -5.50
C LYS D 152 9.76 5.48 -4.82
N ASP D 153 9.68 6.41 -3.86
CA ASP D 153 8.41 6.88 -3.23
C ASP D 153 7.57 5.81 -2.50
N TYR D 154 8.07 5.30 -1.39
CA TYR D 154 7.31 4.29 -0.67
C TYR D 154 7.29 4.61 0.81
N PHE D 155 6.40 3.95 1.51
CA PHE D 155 6.31 4.08 2.96
C PHE D 155 5.53 2.88 3.44
N PRO D 156 5.81 2.38 4.65
CA PRO D 156 6.96 2.65 5.51
C PRO D 156 8.15 1.80 5.01
N GLU D 157 9.27 1.79 5.73
CA GLU D 157 10.27 0.75 5.49
C GLU D 157 9.65 -0.60 5.89
N PRO D 158 10.26 -1.71 5.44
CA PRO D 158 11.43 -1.75 4.55
C PRO D 158 11.04 -2.21 3.16
N VAL D 159 12.00 -2.23 2.24
CA VAL D 159 11.84 -2.94 0.96
C VAL D 159 12.97 -3.97 0.89
N THR D 160 12.85 -4.97 0.02
CA THR D 160 13.98 -5.83 -0.29
C THR D 160 14.24 -5.73 -1.79
N VAL D 161 15.49 -5.92 -2.19
CA VAL D 161 15.86 -6.00 -3.59
C VAL D 161 16.84 -7.17 -3.77
N SER D 162 16.47 -8.14 -4.59
CA SER D 162 17.35 -9.22 -4.97
C SER D 162 17.72 -8.99 -6.42
N TRP D 163 18.78 -9.64 -6.90
CA TRP D 163 19.11 -9.59 -8.32
C TRP D 163 19.10 -10.97 -8.90
N ASN D 164 18.40 -11.12 -10.03
CA ASN D 164 18.29 -12.42 -10.68
C ASN D 164 17.79 -13.43 -9.68
N SER D 165 16.61 -13.13 -9.16
CA SER D 165 15.90 -13.96 -8.22
C SER D 165 16.81 -14.53 -7.17
N GLY D 166 17.92 -13.85 -6.89
CA GLY D 166 18.84 -14.30 -5.87
C GLY D 166 20.16 -14.78 -6.45
N ALA D 167 20.12 -15.19 -7.71
CA ALA D 167 21.27 -15.76 -8.40
C ALA D 167 22.51 -14.86 -8.40
N LEU D 168 22.32 -13.59 -8.05
CA LEU D 168 23.37 -12.60 -8.17
C LEU D 168 23.49 -11.84 -6.85
N THR D 169 24.62 -12.01 -6.16
CA THR D 169 24.79 -11.44 -4.83
C THR D 169 26.11 -10.75 -4.79
N SER D 170 26.92 -11.04 -5.80
CA SER D 170 28.27 -10.52 -5.82
C SER D 170 28.23 -9.05 -6.26
N SER D 171 28.86 -8.18 -5.46
CA SER D 171 29.05 -6.79 -5.88
C SER D 171 27.80 -5.91 -5.88
N VAL D 172 26.75 -6.39 -5.23
CA VAL D 172 25.54 -5.63 -5.08
C VAL D 172 25.71 -4.63 -3.94
N HIS D 173 25.25 -3.39 -4.17
CA HIS D 173 25.09 -2.39 -3.12
C HIS D 173 23.66 -1.86 -3.16
N THR D 174 22.90 -2.20 -2.12
CA THR D 174 21.56 -1.66 -1.96
C THR D 174 21.66 -0.59 -0.87
N PHE D 175 21.38 0.64 -1.27
CA PHE D 175 21.70 1.77 -0.42
C PHE D 175 20.64 1.90 0.60
N PRO D 176 20.99 2.46 1.76
CA PRO D 176 20.00 2.77 2.77
C PRO D 176 18.97 3.74 2.22
N ALA D 177 17.69 3.52 2.57
CA ALA D 177 16.63 4.45 2.19
C ALA D 177 16.94 5.83 2.73
N VAL D 178 16.58 6.83 1.94
CA VAL D 178 16.64 8.22 2.41
C VAL D 178 15.24 8.83 2.25
N LEU D 179 14.76 9.47 3.33
CA LEU D 179 13.47 10.17 3.29
C LEU D 179 13.49 11.36 2.37
N GLN D 180 12.50 11.45 1.49
CA GLN D 180 12.38 12.57 0.57
C GLN D 180 11.56 13.69 1.20
N SER D 181 11.65 14.90 0.65
CA SER D 181 10.92 16.01 1.24
C SER D 181 9.44 15.62 1.45
N SER D 182 8.95 14.71 0.60
CA SER D 182 7.57 14.24 0.65
C SER D 182 7.23 13.39 1.88
N GLY D 183 8.24 12.89 2.57
CA GLY D 183 8.00 11.97 3.66
C GLY D 183 7.98 10.54 3.13
N LEU D 184 8.34 10.37 1.85
CA LEU D 184 8.43 9.07 1.19
C LEU D 184 9.88 8.66 1.01
N TYR D 185 10.18 7.40 1.27
CA TYR D 185 11.52 6.86 1.11
C TYR D 185 11.86 6.58 -0.35
N SER D 186 13.16 6.53 -0.64
CA SER D 186 13.62 6.20 -1.98
C SER D 186 15.02 5.63 -1.81
N LEU D 187 15.35 4.65 -2.66
CA LEU D 187 16.69 4.10 -2.68
C LEU D 187 16.99 3.50 -4.04
N SER D 188 18.28 3.32 -4.31
CA SER D 188 18.73 2.55 -5.46
C SER D 188 19.50 1.33 -4.98
N SER D 189 19.44 0.29 -5.81
CA SER D 189 20.23 -0.90 -5.64
C SER D 189 21.02 -0.97 -6.93
N VAL D 190 22.33 -1.18 -6.81
CA VAL D 190 23.21 -1.22 -7.96
C VAL D 190 24.05 -2.49 -7.90
N VAL D 191 24.52 -2.91 -9.08
CA VAL D 191 25.42 -4.02 -9.14
C VAL D 191 26.43 -3.69 -10.22
N THR D 192 27.66 -4.18 -10.07
CA THR D 192 28.69 -4.01 -11.09
C THR D 192 29.05 -5.40 -11.62
N VAL D 193 29.27 -5.49 -12.92
CA VAL D 193 29.50 -6.77 -13.55
C VAL D 193 30.53 -6.57 -14.66
N PRO D 194 31.10 -7.66 -15.18
CA PRO D 194 32.02 -7.44 -16.30
C PRO D 194 31.26 -6.85 -17.48
N SER D 195 31.84 -5.85 -18.11
CA SER D 195 31.19 -5.13 -19.20
C SER D 195 30.72 -6.08 -20.30
N SER D 196 31.54 -7.08 -20.58
CA SER D 196 31.18 -8.08 -21.61
C SER D 196 29.90 -8.84 -21.26
N SER D 197 29.59 -8.99 -19.97
CA SER D 197 28.41 -9.74 -19.55
C SER D 197 27.10 -9.07 -20.00
N LEU D 198 27.18 -7.81 -20.41
CA LEU D 198 25.99 -7.09 -20.86
C LEU D 198 25.38 -7.79 -22.05
N GLY D 199 26.24 -8.44 -22.84
CA GLY D 199 25.78 -9.13 -24.02
C GLY D 199 25.31 -10.53 -23.72
N THR D 200 25.62 -11.04 -22.52
CA THR D 200 25.37 -12.46 -22.27
C THR D 200 24.49 -12.81 -21.06
N GLN D 201 24.39 -11.90 -20.10
CA GLN D 201 23.63 -12.14 -18.88
C GLN D 201 22.57 -11.04 -18.79
N THR D 202 21.28 -11.40 -18.72
CA THR D 202 20.18 -10.45 -18.46
C THR D 202 20.16 -10.18 -16.95
N TYR D 203 19.83 -8.94 -16.60
CA TYR D 203 19.83 -8.51 -15.20
C TYR D 203 18.45 -8.00 -14.85
N ILE D 204 17.86 -8.61 -13.83
CA ILE D 204 16.54 -8.26 -13.36
C ILE D 204 16.61 -7.98 -11.87
N CYS D 205 16.00 -6.90 -11.43
CA CYS D 205 15.91 -6.68 -10.00
C CYS D 205 14.52 -7.09 -9.51
N ASN D 206 14.49 -7.70 -8.33
CA ASN D 206 13.24 -8.14 -7.74
C ASN D 206 13.00 -7.30 -6.47
N VAL D 207 12.02 -6.40 -6.55
CA VAL D 207 11.73 -5.48 -5.46
C VAL D 207 10.48 -6.02 -4.75
N ASN D 208 10.54 -6.10 -3.42
CA ASN D 208 9.41 -6.52 -2.64
C ASN D 208 9.16 -5.48 -1.57
N HIS D 209 7.99 -4.85 -1.58
CA HIS D 209 7.60 -3.97 -0.49
C HIS D 209 6.39 -4.60 0.15
N LYS D 210 6.63 -5.43 1.17
CA LYS D 210 5.54 -6.19 1.74
C LYS D 210 4.43 -5.28 2.33
N PRO D 211 4.82 -4.18 3.01
CA PRO D 211 3.80 -3.34 3.64
C PRO D 211 2.79 -2.78 2.69
N SER D 212 3.00 -2.88 1.38
CA SER D 212 1.99 -2.40 0.42
C SER D 212 1.63 -3.47 -0.58
N ASN D 213 2.09 -4.69 -0.35
CA ASN D 213 1.82 -5.80 -1.26
C ASN D 213 2.39 -5.56 -2.67
N THR D 214 3.44 -4.73 -2.77
CA THR D 214 4.00 -4.39 -4.06
C THR D 214 5.16 -5.33 -4.31
N LYS D 215 5.13 -6.02 -5.43
CA LYS D 215 6.18 -6.95 -5.80
C LYS D 215 6.41 -6.72 -7.30
N VAL D 216 7.61 -6.22 -7.63
CA VAL D 216 7.92 -5.72 -8.97
C VAL D 216 9.24 -6.33 -9.44
N ASP D 217 9.31 -6.59 -10.75
CA ASP D 217 10.57 -6.96 -11.35
C ASP D 217 10.84 -5.90 -12.40
N LYS D 218 12.11 -5.55 -12.59
CA LYS D 218 12.49 -4.64 -13.66
C LYS D 218 13.78 -5.13 -14.32
N LYS D 219 13.78 -5.22 -15.64
CA LYS D 219 14.98 -5.58 -16.37
C LYS D 219 15.86 -4.35 -16.50
N ALA D 220 17.14 -4.49 -16.22
CA ALA D 220 18.10 -3.41 -16.46
C ALA D 220 19.02 -3.83 -17.61
N GLU D 221 18.84 -3.25 -18.78
CA GLU D 221 19.58 -3.69 -19.95
C GLU D 221 20.09 -2.52 -20.75
N PRO D 222 21.12 -2.77 -21.58
CA PRO D 222 21.63 -1.82 -22.58
C PRO D 222 20.59 -1.50 -23.69
N LYS D 223 20.95 -0.61 -24.62
CA LYS D 223 20.12 -0.23 -25.80
C LYS D 223 18.69 -0.78 -25.77
C1 TES E . -20.54 -21.11 -29.25
C2 TES E . -19.79 -21.70 -30.45
C3 TES E . -19.16 -20.64 -31.31
O3 TES E . -18.92 -20.87 -32.50
C4 TES E . -18.80 -19.33 -30.71
C5 TES E . -19.14 -19.00 -29.46
C6 TES E . -18.75 -17.61 -28.99
C7 TES E . -19.72 -16.99 -28.00
C8 TES E . -20.29 -17.97 -26.99
C9 TES E . -20.88 -19.17 -27.71
C10 TES E . -19.83 -19.96 -28.53
C11 TES E . -21.74 -20.09 -26.80
C12 TES E . -22.84 -19.30 -26.06
C13 TES E . -22.17 -18.20 -25.25
C14 TES E . -21.39 -17.30 -26.17
C15 TES E . -20.97 -16.16 -25.25
C16 TES E . -22.11 -16.06 -24.23
C17 TES E . -23.10 -17.17 -24.61
O17 TES E . -23.86 -17.66 -23.50
C18 TES E . -21.29 -18.82 -24.16
C19 TES E . -18.77 -20.57 -27.61
C1 TES F . 17.12 -8.56 37.32
C2 TES F . 16.34 -8.26 38.62
C3 TES F . 15.78 -6.86 38.60
O3 TES F . 15.55 -6.24 39.65
C4 TES F . 15.51 -6.23 37.29
C5 TES F . 15.80 -6.80 36.12
C6 TES F . 15.44 -5.99 34.90
C7 TES F . 16.53 -6.04 33.84
C8 TES F . 17.05 -7.46 33.60
C9 TES F . 17.52 -8.13 34.89
C10 TES F . 16.45 -8.16 36.00
C11 TES F . 18.13 -9.53 34.64
C12 TES F . 19.21 -9.50 33.53
C13 TES F . 18.69 -8.81 32.28
C14 TES F . 18.21 -7.43 32.63
C15 TES F . 17.95 -6.80 31.27
C16 TES F . 19.07 -7.39 30.40
C17 TES F . 19.73 -8.53 31.20
O17 TES F . 19.98 -9.66 30.34
C18 TES F . 17.55 -9.61 31.64
C19 TES F . 15.39 -9.19 35.65
#